data_6U1I
#
_entry.id   6U1I
#
_cell.length_a   55.369
_cell.length_b   68.453
_cell.length_c   91.747
_cell.angle_alpha   69.500
_cell.angle_beta   78.860
_cell.angle_gamma   66.050
#
_symmetry.space_group_name_H-M   'P 1'
#
loop_
_entity.id
_entity.type
_entity.pdbx_description
1 polymer 'D-alanine--D-alanine ligase'
2 non-polymer "ADENOSINE-5'-DIPHOSPHATE"
3 non-polymer 'MAGNESIUM ION'
4 non-polymer 'POTASSIUM ION'
5 non-polymer '[(4R)-4-azanyl-4,5-dihydro-1,2-oxazol-3-yl] dihydrogen phosphate'
6 water water
#
_entity_poly.entity_id   1
_entity_poly.type   'polypeptide(L)'
_entity_poly.pdbx_seq_one_letter_code
;MEMRVLLIAGGVSPEHEVSLLSAEGVLRHIPFPTDLAVIAQDGRWLLGEKALTALEAKAAPEGEHPFPPPLSWERYDVVF
PLLHGRFGEDGTVQGFLELLGKPYVGAGVAASALCMDKDLSKRVLAQAGVPVVPWVAVRKGEPPVVPFDPPFFVKPANTG
SSVGISRVERFQDLEAALALAFRYDEKAVVEKALSPVRELEVGVLGNVFGEASPVGEVRYEAPFYDYETKYTPGRAELLI
PAPLDPGTQETVQELALKAYKVLGVRGMARVDFFLAEGELYLNELNTIPGFTPTSMYPRLFEAGGVAYPELLRRLVELAL
THHHHHH
;
_entity_poly.pdbx_strand_id   A,B,C,D
#
# COMPACT_ATOMS: atom_id res chain seq x y z
N MET A 3 2.09 0.48 -47.06
CA MET A 3 2.58 1.42 -46.05
C MET A 3 1.43 2.15 -45.37
N ARG A 4 1.28 1.95 -44.06
CA ARG A 4 0.24 2.61 -43.30
C ARG A 4 0.73 2.88 -41.88
N VAL A 5 0.47 4.08 -41.38
CA VAL A 5 0.92 4.52 -40.07
C VAL A 5 -0.25 4.51 -39.10
N LEU A 6 0.01 4.09 -37.87
CA LEU A 6 -0.96 4.19 -36.78
C LEU A 6 -0.51 5.31 -35.86
N LEU A 7 -1.27 6.40 -35.84
CA LEU A 7 -0.97 7.56 -34.99
C LEU A 7 -1.79 7.44 -33.71
N ILE A 8 -1.12 7.47 -32.57
CA ILE A 8 -1.76 7.41 -31.26
C ILE A 8 -1.65 8.78 -30.61
N ALA A 9 -2.78 9.28 -30.10
CA ALA A 9 -2.84 10.60 -29.49
C ALA A 9 -3.79 10.57 -28.30
N GLY A 10 -3.75 11.63 -27.50
CA GLY A 10 -4.54 11.70 -26.29
C GLY A 10 -3.71 11.36 -25.06
N GLY A 11 -4.01 10.25 -24.41
CA GLY A 11 -3.27 9.81 -23.25
C GLY A 11 -3.97 10.15 -21.94
N VAL A 12 -3.37 9.68 -20.86
CA VAL A 12 -3.88 9.92 -19.52
C VAL A 12 -3.17 11.06 -18.80
N SER A 13 -2.03 11.53 -19.33
CA SER A 13 -1.26 12.62 -18.72
C SER A 13 -2.05 13.93 -18.83
N PRO A 14 -1.67 14.96 -18.07
CA PRO A 14 -2.35 16.26 -18.22
C PRO A 14 -2.14 16.89 -19.58
N GLU A 15 -1.08 16.52 -20.30
CA GLU A 15 -0.85 16.98 -21.66
C GLU A 15 -1.72 16.27 -22.69
N HIS A 16 -2.79 15.61 -22.24
CA HIS A 16 -3.68 14.89 -23.12
C HIS A 16 -4.21 15.78 -24.24
N GLU A 17 -4.62 17.00 -23.90
CA GLU A 17 -5.21 17.89 -24.89
C GLU A 17 -4.16 18.49 -25.81
N VAL A 18 -2.93 18.66 -25.34
CA VAL A 18 -1.84 19.07 -26.23
C VAL A 18 -1.55 17.97 -27.24
N SER A 19 -1.69 16.71 -26.83
CA SER A 19 -1.42 15.59 -27.74
C SER A 19 -2.38 15.60 -28.92
N LEU A 20 -3.67 15.81 -28.66
CA LEU A 20 -4.64 15.90 -29.74
C LEU A 20 -4.41 17.13 -30.62
N LEU A 21 -3.76 18.17 -30.09
CA LEU A 21 -3.43 19.32 -30.93
C LEU A 21 -2.34 18.96 -31.92
N SER A 22 -1.37 18.15 -31.51
CA SER A 22 -0.31 17.73 -32.41
C SER A 22 -0.81 16.68 -33.42
N ALA A 23 -1.84 15.92 -33.06
CA ALA A 23 -2.39 14.92 -33.98
C ALA A 23 -3.02 15.57 -35.19
N GLU A 24 -3.78 16.65 -34.98
CA GLU A 24 -4.38 17.37 -36.10
C GLU A 24 -3.31 17.95 -37.01
N GLY A 25 -2.16 18.34 -36.46
CA GLY A 25 -1.08 18.83 -37.29
C GLY A 25 -0.45 17.72 -38.12
N VAL A 26 -0.15 16.58 -37.49
CA VAL A 26 0.51 15.48 -38.18
C VAL A 26 -0.41 14.90 -39.25
N LEU A 27 -1.68 14.69 -38.92
CA LEU A 27 -2.59 14.02 -39.85
C LEU A 27 -2.73 14.77 -41.16
N ARG A 28 -2.86 16.09 -41.11
CA ARG A 28 -3.11 16.86 -42.33
C ARG A 28 -1.91 16.88 -43.27
N HIS A 29 -0.70 16.57 -42.78
CA HIS A 29 0.51 16.69 -43.57
C HIS A 29 1.24 15.37 -43.80
N ILE A 30 0.99 14.34 -43.01
CA ILE A 30 1.84 13.14 -43.06
C ILE A 30 1.70 12.46 -44.42
N PRO A 31 2.81 12.12 -45.09
CA PRO A 31 2.71 11.60 -46.45
C PRO A 31 2.55 10.09 -46.52
N PHE A 32 1.74 9.54 -45.61
CA PHE A 32 1.45 8.12 -45.58
C PHE A 32 -0.01 7.93 -45.21
N PRO A 33 -0.65 6.87 -45.70
CA PRO A 33 -1.98 6.52 -45.18
C PRO A 33 -1.89 6.28 -43.67
N THR A 34 -2.71 7.01 -42.92
CA THR A 34 -2.56 7.03 -41.47
C THR A 34 -3.91 6.89 -40.80
N ASP A 35 -4.03 5.92 -39.90
CA ASP A 35 -5.19 5.78 -39.03
C ASP A 35 -4.89 6.38 -37.68
N LEU A 36 -5.92 6.93 -37.04
CA LEU A 36 -5.77 7.61 -35.77
C LEU A 36 -6.30 6.74 -34.64
N ALA A 37 -5.51 6.62 -33.58
CA ALA A 37 -5.92 6.00 -32.34
C ALA A 37 -5.89 7.04 -31.23
N VAL A 38 -6.94 7.08 -30.42
CA VAL A 38 -7.05 8.06 -29.34
C VAL A 38 -7.15 7.32 -28.01
N ILE A 39 -6.18 7.58 -27.14
CA ILE A 39 -6.24 7.11 -25.76
C ILE A 39 -6.99 8.16 -24.96
N ALA A 40 -8.18 7.80 -24.48
CA ALA A 40 -8.97 8.75 -23.71
C ALA A 40 -8.34 8.98 -22.34
N GLN A 41 -8.83 10.01 -21.65
CA GLN A 41 -8.25 10.40 -20.37
C GLN A 41 -8.46 9.33 -19.29
N ASP A 42 -9.36 8.39 -19.51
CA ASP A 42 -9.53 7.27 -18.59
C ASP A 42 -8.72 6.04 -18.99
N GLY A 43 -7.95 6.13 -20.08
CA GLY A 43 -7.14 5.03 -20.54
C GLY A 43 -7.78 4.16 -21.59
N ARG A 44 -9.08 4.29 -21.83
CA ARG A 44 -9.78 3.48 -22.80
C ARG A 44 -9.61 4.06 -24.20
N TRP A 45 -9.44 3.19 -25.19
CA TRP A 45 -9.08 3.60 -26.53
C TRP A 45 -10.31 3.89 -27.38
N LEU A 46 -10.14 4.80 -28.33
CA LEU A 46 -11.17 5.13 -29.32
C LEU A 46 -10.58 4.93 -30.70
N LEU A 47 -11.28 4.18 -31.55
CA LEU A 47 -10.81 3.83 -32.87
C LEU A 47 -11.83 4.25 -33.92
N GLY A 48 -11.39 4.21 -35.18
CA GLY A 48 -12.30 4.46 -36.30
C GLY A 48 -12.85 5.87 -36.29
N GLU A 49 -14.13 5.98 -36.62
CA GLU A 49 -14.77 7.29 -36.70
C GLU A 49 -14.82 7.98 -35.35
N LYS A 50 -14.90 7.21 -34.25
CA LYS A 50 -15.00 7.82 -32.93
C LYS A 50 -13.68 8.45 -32.49
N ALA A 51 -12.56 8.04 -33.07
CA ALA A 51 -11.29 8.69 -32.78
C ALA A 51 -11.17 10.03 -33.49
N LEU A 52 -11.70 10.12 -34.72
CA LEU A 52 -11.65 11.37 -35.46
C LEU A 52 -12.64 12.38 -34.91
N THR A 53 -13.77 11.91 -34.36
CA THR A 53 -14.74 12.82 -33.76
C THR A 53 -14.17 13.47 -32.51
N ALA A 54 -13.57 12.66 -31.63
CA ALA A 54 -12.96 13.20 -30.42
C ALA A 54 -11.78 14.11 -30.75
N LEU A 55 -11.10 13.86 -31.88
CA LEU A 55 -10.02 14.75 -32.28
C LEU A 55 -10.55 16.14 -32.64
N GLU A 56 -11.72 16.20 -33.28
CA GLU A 56 -12.37 17.48 -33.53
C GLU A 56 -12.88 18.12 -32.24
N ALA A 57 -13.02 17.34 -31.17
CA ALA A 57 -13.45 17.85 -29.88
C ALA A 57 -12.30 18.27 -28.99
N LYS A 58 -11.05 18.02 -29.41
CA LYS A 58 -9.84 18.41 -28.69
C LYS A 58 -9.74 17.77 -27.30
N ALA A 59 -10.59 16.81 -26.98
CA ALA A 59 -10.55 16.15 -25.68
C ALA A 59 -11.33 14.85 -25.77
N ALA A 60 -10.82 13.83 -25.09
CA ALA A 60 -11.48 12.51 -25.02
C ALA A 60 -11.60 12.14 -23.54
N PRO A 61 -12.67 12.57 -22.88
CA PRO A 61 -12.79 12.30 -21.44
C PRO A 61 -12.89 10.81 -21.11
N GLU A 62 -13.60 10.04 -21.93
CA GLU A 62 -13.76 8.62 -21.70
C GLU A 62 -13.79 7.88 -23.03
N GLY A 63 -13.16 6.69 -23.05
CA GLY A 63 -13.08 5.87 -24.23
C GLY A 63 -13.96 4.65 -24.14
N GLU A 64 -13.83 3.79 -25.15
CA GLU A 64 -14.62 2.57 -25.26
C GLU A 64 -13.81 1.29 -25.04
N HIS A 65 -12.61 1.20 -25.62
CA HIS A 65 -11.88 -0.06 -25.64
C HIS A 65 -10.83 -0.10 -24.56
N PRO A 66 -10.89 -1.04 -23.62
CA PRO A 66 -9.81 -1.19 -22.66
C PRO A 66 -8.55 -1.71 -23.32
N PHE A 67 -7.43 -1.53 -22.63
CA PHE A 67 -6.16 -1.98 -23.19
C PHE A 67 -6.00 -3.49 -22.97
N PRO A 68 -5.49 -4.23 -23.97
CA PRO A 68 -5.09 -3.73 -25.29
C PRO A 68 -6.27 -3.59 -26.25
N PRO A 69 -6.19 -2.65 -27.19
CA PRO A 69 -7.35 -2.30 -28.01
C PRO A 69 -7.59 -3.35 -29.08
N PRO A 70 -8.81 -3.40 -29.65
CA PRO A 70 -9.07 -4.36 -30.73
C PRO A 70 -8.52 -3.85 -32.06
N LEU A 71 -7.24 -4.13 -32.31
CA LEU A 71 -6.56 -3.70 -33.52
C LEU A 71 -5.82 -4.88 -34.12
N SER A 72 -5.71 -4.87 -35.45
CA SER A 72 -4.80 -5.76 -36.15
C SER A 72 -3.52 -4.99 -36.38
N TRP A 73 -2.53 -5.20 -35.51
CA TRP A 73 -1.26 -4.50 -35.64
C TRP A 73 -0.53 -4.88 -36.91
N GLU A 74 -0.88 -6.00 -37.53
CA GLU A 74 -0.21 -6.45 -38.74
C GLU A 74 -0.54 -5.59 -39.96
N ARG A 75 -1.52 -4.69 -39.87
CA ARG A 75 -1.82 -3.79 -40.97
C ARG A 75 -1.06 -2.47 -40.89
N TYR A 76 -0.42 -2.19 -39.76
CA TYR A 76 0.31 -0.95 -39.55
C TYR A 76 1.81 -1.23 -39.57
N ASP A 77 2.51 -0.56 -40.47
CA ASP A 77 3.95 -0.76 -40.61
C ASP A 77 4.73 0.03 -39.55
N VAL A 78 4.23 1.20 -39.17
CA VAL A 78 4.86 2.05 -38.16
C VAL A 78 3.78 2.62 -37.25
N VAL A 79 4.07 2.68 -35.96
CA VAL A 79 3.23 3.37 -34.99
C VAL A 79 3.90 4.70 -34.65
N PHE A 80 3.09 5.75 -34.51
CA PHE A 80 3.58 7.07 -34.12
C PHE A 80 2.97 7.39 -32.76
N PRO A 81 3.69 7.14 -31.66
CA PRO A 81 3.19 7.55 -30.35
C PRO A 81 3.26 9.05 -30.16
N LEU A 82 2.23 9.76 -30.61
CA LEU A 82 2.15 11.21 -30.46
C LEU A 82 1.50 11.55 -29.11
N LEU A 83 2.11 11.02 -28.06
CA LEU A 83 1.67 11.22 -26.69
C LEU A 83 2.71 12.00 -25.91
N HIS A 84 2.27 12.70 -24.87
CA HIS A 84 3.14 13.53 -24.06
C HIS A 84 3.00 13.16 -22.59
N GLY A 85 4.13 13.10 -21.90
CA GLY A 85 4.13 12.88 -20.46
C GLY A 85 4.04 11.42 -20.05
N ARG A 86 3.33 11.16 -18.95
CA ARG A 86 3.19 9.80 -18.44
C ARG A 86 2.42 8.92 -19.42
N PHE A 87 2.89 7.68 -19.56
CA PHE A 87 2.28 6.71 -20.47
C PHE A 87 2.24 7.24 -21.90
N GLY A 88 3.36 7.13 -22.60
CA GLY A 88 3.46 7.65 -23.95
C GLY A 88 4.85 8.17 -24.25
N GLU A 89 5.44 8.88 -23.27
CA GLU A 89 6.76 9.47 -23.43
C GLU A 89 7.80 8.87 -22.50
N ASP A 90 7.40 8.05 -21.52
CA ASP A 90 8.31 7.52 -20.51
C ASP A 90 8.72 6.08 -20.75
N GLY A 91 8.39 5.51 -21.91
CA GLY A 91 8.84 4.18 -22.27
C GLY A 91 7.80 3.08 -22.12
N THR A 92 6.67 3.36 -21.47
CA THR A 92 5.65 2.34 -21.28
C THR A 92 5.02 1.95 -22.62
N VAL A 93 4.48 2.94 -23.34
CA VAL A 93 3.95 2.68 -24.68
C VAL A 93 5.04 2.13 -25.59
N GLN A 94 6.26 2.62 -25.43
CA GLN A 94 7.37 2.12 -26.24
C GLN A 94 7.63 0.65 -25.97
N GLY A 95 7.60 0.23 -24.70
CA GLY A 95 7.87 -1.15 -24.38
C GLY A 95 6.82 -2.11 -24.92
N PHE A 96 5.56 -1.70 -24.87
CA PHE A 96 4.50 -2.54 -25.42
C PHE A 96 4.67 -2.73 -26.91
N LEU A 97 5.00 -1.66 -27.64
CA LEU A 97 5.23 -1.79 -29.07
C LEU A 97 6.47 -2.61 -29.37
N GLU A 98 7.43 -2.66 -28.44
CA GLU A 98 8.58 -3.54 -28.60
C GLU A 98 8.17 -5.01 -28.54
N LEU A 99 7.41 -5.37 -27.50
CA LEU A 99 6.88 -6.74 -27.41
C LEU A 99 6.09 -7.11 -28.64
N LEU A 100 5.38 -6.15 -29.22
CA LEU A 100 4.55 -6.36 -30.40
C LEU A 100 5.36 -6.53 -31.68
N GLY A 101 6.68 -6.34 -31.63
CA GLY A 101 7.48 -6.38 -32.83
C GLY A 101 7.12 -5.30 -33.82
N LYS A 102 6.69 -4.14 -33.34
CA LYS A 102 6.18 -3.09 -34.19
C LYS A 102 7.15 -1.92 -34.26
N PRO A 103 7.53 -1.47 -35.45
CA PRO A 103 8.32 -0.23 -35.55
C PRO A 103 7.52 0.96 -35.07
N TYR A 104 8.22 1.92 -34.45
CA TYR A 104 7.55 3.09 -33.92
C TYR A 104 8.49 4.29 -33.96
N VAL A 105 7.88 5.47 -34.13
CA VAL A 105 8.63 6.72 -34.17
C VAL A 105 9.09 7.11 -32.78
N GLY A 106 10.32 7.61 -32.67
CA GLY A 106 10.80 8.18 -31.43
C GLY A 106 11.78 7.29 -30.71
N ALA A 107 12.17 7.76 -29.53
CA ALA A 107 13.18 7.08 -28.73
C ALA A 107 12.67 5.75 -28.19
N GLY A 108 13.60 4.92 -27.76
CA GLY A 108 13.28 3.60 -27.23
C GLY A 108 12.84 3.65 -25.78
N VAL A 109 12.79 2.46 -25.18
CA VAL A 109 12.31 2.35 -23.80
C VAL A 109 13.26 3.04 -22.83
N ALA A 110 14.56 2.75 -22.95
CA ALA A 110 15.53 3.31 -22.01
C ALA A 110 15.63 4.82 -22.16
N ALA A 111 15.72 5.31 -23.39
CA ALA A 111 15.88 6.75 -23.61
C ALA A 111 14.62 7.51 -23.19
N SER A 112 13.44 6.94 -23.44
CA SER A 112 12.21 7.60 -23.06
C SER A 112 12.10 7.74 -21.55
N ALA A 113 12.34 6.63 -20.83
CA ALA A 113 12.29 6.68 -19.37
C ALA A 113 13.33 7.65 -18.81
N LEU A 114 14.53 7.64 -19.37
CA LEU A 114 15.59 8.51 -18.87
C LEU A 114 15.29 9.98 -19.17
N CYS A 115 14.96 10.29 -20.44
CA CYS A 115 14.68 11.67 -20.81
C CYS A 115 13.43 12.22 -20.13
N MET A 116 12.51 11.35 -19.70
CA MET A 116 11.35 11.78 -18.92
C MET A 116 11.63 11.90 -17.44
N ASP A 117 12.77 11.41 -16.96
CA ASP A 117 13.15 11.54 -15.56
C ASP A 117 14.11 12.72 -15.43
N LYS A 118 13.71 13.72 -14.64
CA LYS A 118 14.55 14.92 -14.52
C LYS A 118 15.65 14.77 -13.49
N ASP A 119 15.62 13.72 -12.67
CA ASP A 119 16.74 13.41 -11.79
C ASP A 119 17.78 12.56 -12.51
N LEU A 120 17.36 11.45 -13.10
CA LEU A 120 18.32 10.50 -13.65
C LEU A 120 18.96 11.01 -14.92
N SER A 121 18.19 11.69 -15.79
CA SER A 121 18.78 12.25 -17.00
C SER A 121 19.85 13.27 -16.67
N LYS A 122 19.60 14.12 -15.67
CA LYS A 122 20.62 15.04 -15.20
C LYS A 122 21.83 14.31 -14.63
N ARG A 123 21.60 13.14 -14.02
CA ARG A 123 22.71 12.34 -13.51
C ARG A 123 23.60 11.83 -14.64
N VAL A 124 22.99 11.38 -15.74
CA VAL A 124 23.76 10.88 -16.86
C VAL A 124 24.44 12.02 -17.60
N LEU A 125 23.70 13.11 -17.84
CA LEU A 125 24.26 14.25 -18.55
C LEU A 125 25.45 14.84 -17.79
N ALA A 126 25.28 15.02 -16.48
CA ALA A 126 26.39 15.55 -15.67
C ALA A 126 27.59 14.63 -15.70
N GLN A 127 27.35 13.31 -15.64
CA GLN A 127 28.45 12.36 -15.70
C GLN A 127 29.17 12.41 -17.04
N ALA A 128 28.46 12.76 -18.11
CA ALA A 128 29.06 12.87 -19.43
C ALA A 128 29.79 14.18 -19.65
N GLY A 129 29.72 15.11 -18.69
CA GLY A 129 30.36 16.40 -18.85
C GLY A 129 29.51 17.47 -19.47
N VAL A 130 28.19 17.32 -19.42
CA VAL A 130 27.27 18.32 -19.98
C VAL A 130 26.85 19.26 -18.87
N PRO A 131 26.97 20.58 -19.07
CA PRO A 131 26.57 21.53 -18.02
C PRO A 131 25.06 21.48 -17.78
N VAL A 132 24.68 21.21 -16.53
CA VAL A 132 23.28 21.21 -16.12
C VAL A 132 23.14 22.09 -14.88
N VAL A 133 21.90 22.44 -14.58
CA VAL A 133 21.61 23.27 -13.40
C VAL A 133 21.85 22.45 -12.14
N PRO A 134 22.49 23.02 -11.12
CA PRO A 134 22.61 22.30 -9.84
C PRO A 134 21.25 21.87 -9.32
N TRP A 135 21.15 20.62 -8.88
CA TRP A 135 19.86 20.07 -8.50
C TRP A 135 20.05 19.00 -7.43
N VAL A 136 18.96 18.74 -6.71
CA VAL A 136 18.88 17.64 -5.77
C VAL A 136 17.58 16.88 -6.04
N ALA A 137 17.56 15.62 -5.66
CA ALA A 137 16.37 14.78 -5.79
C ALA A 137 15.76 14.57 -4.43
N VAL A 138 14.44 14.73 -4.33
CA VAL A 138 13.71 14.54 -3.08
C VAL A 138 12.62 13.52 -3.33
N ARG A 139 12.62 12.43 -2.54
CA ARG A 139 11.61 11.39 -2.65
C ARG A 139 10.60 11.54 -1.53
N LYS A 140 9.37 11.09 -1.80
CA LYS A 140 8.30 11.16 -0.81
C LYS A 140 8.56 10.20 0.34
N PRO A 144 14.01 16.17 3.27
CA PRO A 144 14.36 17.16 2.26
C PRO A 144 15.65 17.90 2.61
N VAL A 145 16.74 17.62 1.88
CA VAL A 145 18.01 18.32 2.03
C VAL A 145 18.34 18.97 0.70
N VAL A 146 18.43 20.30 0.70
CA VAL A 146 18.75 21.06 -0.49
C VAL A 146 19.99 21.87 -0.20
N PRO A 147 21.11 21.62 -0.89
CA PRO A 147 22.38 22.24 -0.49
C PRO A 147 22.49 23.70 -0.87
N PHE A 148 21.78 24.17 -1.90
CA PHE A 148 21.87 25.56 -2.33
C PHE A 148 20.70 26.38 -1.78
N ASP A 149 20.88 27.69 -1.80
CA ASP A 149 19.92 28.64 -1.25
C ASP A 149 18.85 28.97 -2.29
N PRO A 150 17.68 29.42 -1.85
CA PRO A 150 16.64 29.86 -2.79
C PRO A 150 17.12 31.01 -3.65
N PRO A 151 16.45 31.30 -4.78
CA PRO A 151 15.24 30.63 -5.27
C PRO A 151 15.47 29.30 -5.98
N PHE A 152 14.54 28.37 -5.84
CA PHE A 152 14.56 27.11 -6.55
C PHE A 152 13.43 27.04 -7.56
N PHE A 153 13.52 26.03 -8.43
CA PHE A 153 12.40 25.55 -9.22
C PHE A 153 12.11 24.13 -8.77
N VAL A 154 10.92 23.90 -8.22
CA VAL A 154 10.53 22.60 -7.71
C VAL A 154 9.61 21.94 -8.72
N LYS A 155 10.03 20.79 -9.25
CA LYS A 155 9.30 20.10 -10.30
C LYS A 155 9.15 18.63 -9.95
N PRO A 156 8.09 17.99 -10.44
CA PRO A 156 8.01 16.53 -10.35
C PRO A 156 9.02 15.90 -11.30
N ALA A 157 9.57 14.75 -10.89
CA ALA A 157 10.67 14.14 -11.62
C ALA A 157 10.26 13.77 -13.05
N ASN A 158 9.02 13.32 -13.23
CA ASN A 158 8.51 12.89 -14.53
C ASN A 158 7.23 13.64 -14.84
N THR A 159 7.33 14.60 -15.75
CA THR A 159 6.18 15.40 -16.19
C THR A 159 6.58 16.15 -17.46
N GLY A 160 5.69 17.01 -17.94
CA GLY A 160 5.95 17.80 -19.13
C GLY A 160 5.08 19.03 -19.23
N ILE A 165 5.18 22.32 -11.32
CA ILE A 165 6.28 23.27 -11.14
C ILE A 165 5.78 24.49 -10.37
N SER A 166 6.54 24.88 -9.34
CA SER A 166 6.19 26.02 -8.50
C SER A 166 7.46 26.72 -8.05
N ARG A 167 7.61 27.99 -8.45
CA ARG A 167 8.77 28.77 -8.05
C ARG A 167 8.76 29.00 -6.54
N VAL A 168 9.94 28.95 -5.94
CA VAL A 168 10.10 29.03 -4.50
C VAL A 168 11.18 30.05 -4.18
N GLU A 169 10.81 31.08 -3.42
CA GLU A 169 11.75 32.12 -3.03
C GLU A 169 12.10 32.06 -1.55
N ARG A 170 11.48 31.15 -0.80
CA ARG A 170 11.66 31.07 0.63
C ARG A 170 11.76 29.62 1.08
N PHE A 171 12.67 29.35 2.02
CA PHE A 171 12.88 28.00 2.54
C PHE A 171 11.62 27.48 3.22
N GLN A 172 10.86 28.36 3.87
CA GLN A 172 9.59 27.95 4.46
C GLN A 172 8.56 27.61 3.40
N ASP A 173 8.75 28.12 2.18
CA ASP A 173 7.90 27.79 1.04
C ASP A 173 8.36 26.54 0.30
N LEU A 174 9.08 25.65 0.98
CA LEU A 174 9.62 24.45 0.33
C LEU A 174 8.72 23.24 0.49
N GLU A 175 8.37 22.88 1.73
CA GLU A 175 7.52 21.73 1.99
C GLU A 175 6.12 21.86 1.39
N ALA A 176 5.73 23.05 0.94
CA ALA A 176 4.48 23.24 0.22
C ALA A 176 4.65 23.02 -1.27
N ALA A 177 5.81 23.40 -1.82
CA ALA A 177 6.05 23.14 -3.24
C ALA A 177 6.28 21.67 -3.51
N LEU A 178 6.74 20.91 -2.50
CA LEU A 178 6.91 19.48 -2.65
C LEU A 178 5.57 18.77 -2.85
N ALA A 179 4.55 19.19 -2.11
CA ALA A 179 3.24 18.56 -2.23
C ALA A 179 2.60 18.83 -3.59
N LEU A 180 2.84 20.01 -4.18
CA LEU A 180 2.34 20.28 -5.52
C LEU A 180 3.09 19.44 -6.54
N ALA A 181 4.38 19.21 -6.32
CA ALA A 181 5.15 18.36 -7.22
C ALA A 181 4.88 16.89 -6.95
N PHE A 182 4.69 16.52 -5.68
CA PHE A 182 4.33 15.14 -5.35
C PHE A 182 2.92 14.78 -5.80
N ARG A 183 2.10 15.75 -6.20
CA ARG A 183 0.81 15.44 -6.78
C ARG A 183 0.95 14.68 -8.09
N TYR A 184 2.10 14.83 -8.76
CA TYR A 184 2.30 14.24 -10.08
C TYR A 184 3.37 13.14 -10.09
N ASP A 185 4.03 12.87 -8.97
CA ASP A 185 5.12 11.91 -8.98
C ASP A 185 5.43 11.46 -7.56
N GLU A 186 6.14 10.33 -7.46
CA GLU A 186 6.69 9.85 -6.20
C GLU A 186 8.06 10.43 -5.90
N LYS A 187 8.66 11.14 -6.85
CA LYS A 187 9.96 11.76 -6.69
C LYS A 187 9.94 13.13 -7.34
N ALA A 188 10.65 14.08 -6.73
CA ALA A 188 10.73 15.44 -7.25
C ALA A 188 12.18 15.87 -7.32
N VAL A 189 12.43 16.95 -8.05
CA VAL A 189 13.75 17.55 -8.12
C VAL A 189 13.65 19.00 -7.66
N VAL A 190 14.74 19.50 -7.10
CA VAL A 190 14.86 20.89 -6.66
C VAL A 190 16.15 21.42 -7.25
N GLU A 191 16.05 22.37 -8.18
CA GLU A 191 17.21 22.92 -8.85
C GLU A 191 17.26 24.44 -8.68
N LYS A 192 18.46 24.99 -8.81
CA LYS A 192 18.68 26.41 -8.57
C LYS A 192 18.08 27.24 -9.71
N ALA A 193 17.26 28.22 -9.35
CA ALA A 193 16.63 29.06 -10.34
C ALA A 193 17.66 29.96 -11.02
N LEU A 194 17.46 30.19 -12.32
CA LEU A 194 18.31 31.08 -13.10
C LEU A 194 17.46 32.28 -13.53
N SER A 195 17.92 33.48 -13.16
CA SER A 195 17.20 34.69 -13.54
C SER A 195 18.18 35.86 -13.60
N PRO A 196 18.25 36.58 -14.73
CA PRO A 196 17.45 36.29 -15.92
C PRO A 196 18.01 35.12 -16.73
N VAL A 197 17.17 34.50 -17.55
CA VAL A 197 17.55 33.34 -18.34
C VAL A 197 16.93 33.44 -19.72
N ARG A 198 17.72 33.07 -20.74
CA ARG A 198 17.23 32.93 -22.09
C ARG A 198 17.08 31.45 -22.41
N GLU A 199 15.95 31.06 -22.97
CA GLU A 199 15.65 29.67 -23.27
C GLU A 199 15.94 29.39 -24.74
N LEU A 200 16.86 28.47 -24.99
CA LEU A 200 17.21 28.05 -26.34
C LEU A 200 16.72 26.63 -26.58
N GLU A 201 16.24 26.37 -27.79
CA GLU A 201 15.76 25.05 -28.17
C GLU A 201 16.29 24.71 -29.55
N VAL A 202 16.61 23.44 -29.75
CA VAL A 202 17.14 22.95 -31.02
C VAL A 202 16.58 21.55 -31.28
N GLY A 203 16.15 21.30 -32.50
CA GLY A 203 15.65 20.00 -32.88
C GLY A 203 16.76 19.10 -33.40
N VAL A 204 16.64 17.81 -33.08
CA VAL A 204 17.58 16.79 -33.54
C VAL A 204 16.79 15.72 -34.27
N LEU A 205 17.36 15.21 -35.37
CA LEU A 205 16.69 14.22 -36.20
C LEU A 205 17.70 13.14 -36.57
N GLY A 206 17.34 11.88 -36.33
CA GLY A 206 18.21 10.77 -36.64
C GLY A 206 18.22 9.69 -35.57
N ASN A 207 18.88 8.57 -35.84
CA ASN A 207 19.03 7.49 -34.87
C ASN A 207 20.42 7.56 -34.26
N VAL A 208 20.48 7.93 -32.98
CA VAL A 208 21.71 8.04 -32.21
C VAL A 208 22.57 9.19 -32.73
N PHE A 209 23.16 9.01 -33.91
CA PHE A 209 23.97 10.07 -34.54
C PHE A 209 23.02 10.94 -35.35
N GLY A 210 22.53 12.02 -34.73
CA GLY A 210 21.54 12.88 -35.34
C GLY A 210 22.12 14.18 -35.87
N GLU A 211 21.33 14.85 -36.71
CA GLU A 211 21.68 16.15 -37.24
C GLU A 211 20.84 17.22 -36.56
N ALA A 212 21.41 18.40 -36.41
CA ALA A 212 20.81 19.49 -35.66
C ALA A 212 20.14 20.49 -36.59
N SER A 213 19.01 21.03 -36.15
CA SER A 213 18.37 22.15 -36.80
C SER A 213 19.03 23.45 -36.34
N PRO A 214 18.67 24.58 -36.95
CA PRO A 214 19.07 25.86 -36.36
C PRO A 214 18.53 26.00 -34.93
N VAL A 215 19.19 26.86 -34.17
CA VAL A 215 18.82 27.08 -32.78
C VAL A 215 17.71 28.13 -32.73
N GLY A 216 16.66 27.85 -31.96
CA GLY A 216 15.59 28.80 -31.76
C GLY A 216 15.51 29.26 -30.33
N GLU A 217 14.79 30.36 -30.09
CA GLU A 217 14.67 30.93 -28.76
C GLU A 217 13.22 31.28 -28.46
N VAL A 218 12.76 30.91 -27.28
CA VAL A 218 11.45 31.31 -26.76
C VAL A 218 11.65 32.54 -25.87
N ARG A 219 10.69 33.46 -25.90
CA ARG A 219 10.76 34.68 -25.11
C ARG A 219 9.36 35.15 -24.69
N ALA A 236 4.13 33.99 -25.70
CA ALA A 236 4.80 32.88 -26.35
C ALA A 236 5.30 33.29 -27.73
N GLU A 237 6.60 33.56 -27.83
CA GLU A 237 7.23 34.09 -29.03
C GLU A 237 8.42 33.22 -29.40
N LEU A 238 8.54 32.87 -30.67
CA LEU A 238 9.60 32.02 -31.17
C LEU A 238 10.52 32.85 -32.08
N LEU A 239 11.82 32.79 -31.82
CA LEU A 239 12.83 33.46 -32.64
C LEU A 239 13.59 32.40 -33.42
N ILE A 240 13.41 32.37 -34.74
CA ILE A 240 14.08 31.38 -35.58
C ILE A 240 14.74 32.08 -36.75
N PRO A 241 16.08 32.14 -36.80
CA PRO A 241 16.97 31.58 -35.78
C PRO A 241 17.15 32.50 -34.58
N ALA A 242 17.71 31.96 -33.50
CA ALA A 242 17.87 32.74 -32.29
C ALA A 242 19.01 33.75 -32.45
N PRO A 243 18.87 34.95 -31.89
CA PRO A 243 19.95 35.95 -32.02
C PRO A 243 21.15 35.58 -31.16
N LEU A 244 22.04 34.73 -31.69
CA LEU A 244 23.16 34.21 -30.93
C LEU A 244 24.46 34.48 -31.67
N ASP A 245 25.49 34.81 -30.91
CA ASP A 245 26.83 34.82 -31.45
C ASP A 245 27.16 33.45 -32.03
N PRO A 246 27.95 33.39 -33.11
CA PRO A 246 28.03 32.15 -33.89
C PRO A 246 28.57 30.96 -33.10
N GLY A 247 29.56 31.17 -32.25
CA GLY A 247 30.13 30.07 -31.49
C GLY A 247 29.18 29.51 -30.45
N THR A 248 28.26 30.33 -29.94
CA THR A 248 27.33 29.88 -28.91
C THR A 248 26.31 28.89 -29.47
N GLN A 249 25.74 29.20 -30.63
CA GLN A 249 24.73 28.32 -31.21
C GLN A 249 25.35 27.04 -31.75
N GLU A 250 26.61 27.09 -32.20
CA GLU A 250 27.34 25.87 -32.56
C GLU A 250 27.65 25.04 -31.32
N THR A 251 27.86 25.71 -30.18
CA THR A 251 28.00 24.99 -28.93
C THR A 251 26.68 24.32 -28.55
N VAL A 252 25.56 25.02 -28.76
CA VAL A 252 24.25 24.43 -28.49
C VAL A 252 24.04 23.19 -29.35
N GLN A 253 24.28 23.32 -30.65
CA GLN A 253 24.08 22.20 -31.56
C GLN A 253 24.97 21.02 -31.18
N GLU A 254 26.21 21.29 -30.78
CA GLU A 254 27.12 20.22 -30.39
C GLU A 254 26.74 19.61 -29.05
N LEU A 255 26.25 20.41 -28.11
CA LEU A 255 25.78 19.86 -26.84
C LEU A 255 24.54 18.99 -27.06
N ALA A 256 23.65 19.42 -27.95
CA ALA A 256 22.44 18.64 -28.22
C ALA A 256 22.79 17.30 -28.84
N LEU A 257 23.65 17.31 -29.87
CA LEU A 257 24.02 16.05 -30.52
C LEU A 257 24.80 15.13 -29.58
N LYS A 258 25.56 15.70 -28.65
CA LYS A 258 26.33 14.88 -27.72
C LYS A 258 25.43 14.25 -26.67
N ALA A 259 24.53 15.04 -26.08
CA ALA A 259 23.55 14.48 -25.15
C ALA A 259 22.65 13.48 -25.86
N TYR A 260 22.24 13.80 -27.09
CA TYR A 260 21.40 12.90 -27.88
C TYR A 260 22.06 11.53 -28.05
N LYS A 261 23.34 11.52 -28.42
CA LYS A 261 24.04 10.27 -28.68
C LYS A 261 24.31 9.50 -27.39
N VAL A 262 24.69 10.20 -26.32
CA VAL A 262 24.97 9.53 -25.04
C VAL A 262 23.73 8.81 -24.54
N LEU A 263 22.56 9.44 -24.68
CA LEU A 263 21.32 8.86 -24.19
C LEU A 263 20.71 7.84 -25.15
N GLY A 264 21.36 7.58 -26.28
CA GLY A 264 20.82 6.62 -27.24
C GLY A 264 19.46 7.00 -27.79
N VAL A 265 19.20 8.29 -27.95
CA VAL A 265 17.89 8.73 -28.43
C VAL A 265 17.72 8.38 -29.89
N ARG A 266 16.54 7.89 -30.26
CA ARG A 266 16.23 7.51 -31.63
C ARG A 266 15.12 8.40 -32.17
N GLY A 267 15.08 8.50 -33.51
CA GLY A 267 14.04 9.24 -34.18
C GLY A 267 14.21 10.74 -34.09
N MET A 268 13.90 11.31 -32.93
CA MET A 268 13.86 12.76 -32.78
C MET A 268 13.92 13.13 -31.30
N ALA A 269 14.18 14.41 -31.06
CA ALA A 269 14.17 15.00 -29.73
C ALA A 269 14.34 16.50 -29.87
N ARG A 270 13.62 17.26 -29.04
CA ARG A 270 13.82 18.69 -28.92
C ARG A 270 14.56 18.97 -27.62
N VAL A 271 15.78 19.47 -27.72
CA VAL A 271 16.65 19.69 -26.58
C VAL A 271 16.57 21.16 -26.20
N ASP A 272 16.26 21.42 -24.92
CA ASP A 272 16.07 22.77 -24.41
C ASP A 272 17.22 23.15 -23.48
N PHE A 273 17.64 24.41 -23.56
CA PHE A 273 18.81 24.91 -22.84
C PHE A 273 18.45 26.16 -22.04
N PHE A 274 19.36 26.53 -21.16
CA PHE A 274 19.32 27.80 -20.44
C PHE A 274 20.58 28.59 -20.75
N LEU A 275 20.46 29.91 -20.78
CA LEU A 275 21.57 30.77 -21.17
C LEU A 275 21.58 32.00 -20.29
N ALA A 276 22.60 32.13 -19.44
CA ALA A 276 22.77 33.33 -18.62
C ALA A 276 23.54 34.38 -19.41
N GLU A 277 24.87 34.27 -19.43
CA GLU A 277 25.70 35.07 -20.33
C GLU A 277 26.07 34.23 -21.53
N GLY A 278 27.10 33.39 -21.39
CA GLY A 278 27.33 32.31 -22.32
C GLY A 278 27.41 31.00 -21.55
N GLU A 279 27.05 31.09 -20.27
CA GLU A 279 26.97 29.92 -19.39
C GLU A 279 25.73 29.14 -19.80
N LEU A 280 25.93 28.13 -20.65
CA LEU A 280 24.82 27.32 -21.14
C LEU A 280 24.60 26.12 -20.22
N TYR A 281 23.34 25.86 -19.92
CA TYR A 281 22.93 24.68 -19.16
C TYR A 281 21.88 23.94 -19.96
N LEU A 282 22.09 22.64 -20.19
CA LEU A 282 21.08 21.83 -20.85
C LEU A 282 19.94 21.62 -19.88
N ASN A 283 18.74 22.01 -20.28
CA ASN A 283 17.60 21.95 -19.38
C ASN A 283 16.98 20.55 -19.38
N GLU A 284 16.56 20.07 -20.55
CA GLU A 284 15.89 18.79 -20.64
C GLU A 284 15.78 18.41 -22.11
N LEU A 285 15.59 17.11 -22.34
CA LEU A 285 15.32 16.56 -23.66
C LEU A 285 13.88 16.08 -23.71
N ASN A 286 13.14 16.52 -24.72
CA ASN A 286 11.76 16.09 -24.94
C ASN A 286 11.73 15.17 -26.15
N THR A 287 11.39 13.90 -25.92
CA THR A 287 11.43 12.91 -26.99
C THR A 287 10.22 12.99 -27.91
N ILE A 288 9.06 13.39 -27.39
CA ILE A 288 7.89 13.64 -28.23
C ILE A 288 7.55 15.12 -28.15
N PRO A 289 8.19 15.97 -28.96
CA PRO A 289 7.86 17.40 -28.93
C PRO A 289 6.52 17.66 -29.58
N GLY A 290 5.90 18.77 -29.17
CA GLY A 290 4.67 19.22 -29.80
C GLY A 290 4.85 19.32 -31.30
N PHE A 291 3.84 18.91 -32.07
CA PHE A 291 4.03 18.73 -33.50
C PHE A 291 2.94 19.40 -34.33
N THR A 292 2.43 20.54 -33.86
CA THR A 292 1.51 21.33 -34.68
C THR A 292 2.29 22.03 -35.79
N THR A 294 3.50 24.83 -36.59
CA THR A 294 3.62 26.03 -35.78
C THR A 294 4.46 25.79 -34.54
N SER A 295 4.41 24.55 -34.04
CA SER A 295 5.23 24.15 -32.90
C SER A 295 6.70 24.39 -33.21
N MET A 296 7.49 24.54 -32.14
CA MET A 296 8.90 24.92 -32.30
C MET A 296 9.69 23.89 -33.10
N TYR A 297 9.55 22.62 -32.75
CA TYR A 297 10.35 21.58 -33.41
C TYR A 297 10.13 21.51 -34.92
N PRO A 298 8.89 21.46 -35.44
CA PRO A 298 8.75 21.47 -36.92
C PRO A 298 9.22 22.77 -37.54
N ARG A 299 9.01 23.91 -36.87
CA ARG A 299 9.45 25.19 -37.41
C ARG A 299 10.97 25.28 -37.45
N LEU A 300 11.66 24.63 -36.52
CA LEU A 300 13.12 24.67 -36.52
C LEU A 300 13.69 23.95 -37.74
N PHE A 301 13.20 22.74 -38.03
CA PHE A 301 13.63 22.03 -39.21
C PHE A 301 13.04 22.60 -40.49
N GLU A 302 11.94 23.38 -40.39
CA GLU A 302 11.46 24.11 -41.55
C GLU A 302 12.49 25.15 -41.99
N ALA A 303 13.02 25.91 -41.02
CA ALA A 303 14.10 26.84 -41.32
C ALA A 303 15.41 26.15 -41.67
N GLY A 304 15.49 24.83 -41.49
CA GLY A 304 16.69 24.09 -41.83
C GLY A 304 16.55 23.31 -43.13
N GLY A 305 15.52 23.63 -43.90
CA GLY A 305 15.31 23.02 -45.19
C GLY A 305 14.55 21.71 -45.19
N VAL A 306 13.86 21.38 -44.10
CA VAL A 306 13.08 20.15 -44.00
C VAL A 306 11.64 20.56 -43.76
N ALA A 307 10.81 20.50 -44.81
CA ALA A 307 9.41 20.88 -44.68
C ALA A 307 8.66 19.86 -43.81
N TYR A 308 7.54 20.31 -43.27
CA TYR A 308 6.75 19.47 -42.36
C TYR A 308 6.40 18.10 -42.95
N PRO A 309 5.96 17.97 -44.21
CA PRO A 309 5.75 16.62 -44.75
C PRO A 309 7.02 15.80 -44.83
N GLU A 310 8.11 16.40 -45.30
CA GLU A 310 9.38 15.67 -45.38
C GLU A 310 9.91 15.31 -44.00
N LEU A 311 9.63 16.13 -42.99
CA LEU A 311 10.04 15.81 -41.64
C LEU A 311 9.32 14.57 -41.12
N LEU A 312 8.02 14.48 -41.37
CA LEU A 312 7.27 13.29 -40.97
C LEU A 312 7.69 12.07 -41.77
N ARG A 313 8.02 12.26 -43.05
CA ARG A 313 8.45 11.14 -43.88
C ARG A 313 9.73 10.53 -43.34
N ARG A 314 10.72 11.37 -42.98
CA ARG A 314 11.97 10.85 -42.43
C ARG A 314 11.77 10.22 -41.06
N LEU A 315 10.81 10.72 -40.27
CA LEU A 315 10.52 10.10 -38.98
C LEU A 315 10.00 8.68 -39.16
N VAL A 316 9.10 8.47 -40.12
CA VAL A 316 8.58 7.13 -40.39
C VAL A 316 9.69 6.23 -40.93
N GLU A 317 10.60 6.79 -41.72
CA GLU A 317 11.66 5.98 -42.31
C GLU A 317 12.80 5.70 -41.33
N LEU A 318 13.04 6.60 -40.37
CA LEU A 318 14.02 6.30 -39.33
C LEU A 318 13.55 5.16 -38.43
N ALA A 319 12.24 5.04 -38.22
CA ALA A 319 11.72 3.94 -37.41
C ALA A 319 11.85 2.61 -38.14
N LEU A 320 11.59 2.61 -39.45
CA LEU A 320 11.76 1.37 -40.21
C LEU A 320 13.23 1.00 -40.35
N THR A 321 14.10 2.00 -40.47
CA THR A 321 15.53 1.73 -40.60
C THR A 321 16.09 1.12 -39.32
N HIS A 322 15.64 1.61 -38.16
CA HIS A 322 16.11 1.03 -36.90
C HIS A 322 15.60 -0.39 -36.71
N HIS A 323 14.31 -0.60 -36.98
CA HIS A 323 13.68 -1.89 -36.66
C HIS A 323 14.20 -2.99 -37.58
N HIS A 324 14.17 -2.75 -38.90
CA HIS A 324 14.46 -3.79 -39.87
C HIS A 324 15.92 -3.83 -40.30
N HIS A 325 16.77 -2.91 -39.82
CA HIS A 325 18.16 -2.89 -40.22
C HIS A 325 19.12 -2.71 -39.05
N HIS A 326 18.64 -2.83 -37.82
CA HIS A 326 19.51 -2.77 -36.63
C HIS A 326 19.00 -3.69 -35.53
N MET B 3 -7.10 -13.90 -3.74
CA MET B 3 -5.93 -13.38 -4.45
C MET B 3 -5.40 -14.41 -5.44
N ARG B 4 -5.44 -14.07 -6.72
CA ARG B 4 -4.94 -14.93 -7.78
C ARG B 4 -3.85 -14.21 -8.57
N VAL B 5 -2.73 -14.89 -8.77
CA VAL B 5 -1.54 -14.32 -9.38
C VAL B 5 -1.26 -15.04 -10.68
N LEU B 6 -0.88 -14.29 -11.71
CA LEU B 6 -0.41 -14.88 -12.97
C LEU B 6 1.11 -14.83 -13.01
N LEU B 7 1.72 -15.98 -13.28
CA LEU B 7 3.17 -16.12 -13.36
C LEU B 7 3.55 -16.29 -14.82
N ILE B 8 4.26 -15.32 -15.37
CA ILE B 8 4.72 -15.35 -16.75
C ILE B 8 6.16 -15.85 -16.76
N ALA B 9 6.42 -16.92 -17.49
CA ALA B 9 7.75 -17.53 -17.52
C ALA B 9 8.08 -17.94 -18.95
N GLY B 10 9.37 -18.19 -19.19
CA GLY B 10 9.83 -18.58 -20.50
C GLY B 10 10.60 -17.47 -21.20
N GLY B 11 10.04 -16.94 -22.27
CA GLY B 11 10.60 -15.80 -22.97
C GLY B 11 11.35 -16.20 -24.23
N VAL B 12 11.74 -15.17 -24.99
CA VAL B 12 12.45 -15.36 -26.26
C VAL B 12 13.96 -15.20 -26.11
N SER B 13 14.45 -15.01 -24.89
CA SER B 13 15.87 -14.81 -24.64
C SER B 13 16.53 -16.14 -24.31
N PRO B 14 17.86 -16.23 -24.45
CA PRO B 14 18.56 -17.50 -24.15
C PRO B 14 18.30 -18.05 -22.76
N GLU B 15 17.90 -17.18 -21.81
CA GLU B 15 17.53 -17.63 -20.47
C GLU B 15 16.12 -18.19 -20.41
N HIS B 16 15.59 -18.68 -21.53
CA HIS B 16 14.25 -19.25 -21.55
C HIS B 16 14.15 -20.46 -20.63
N GLU B 17 15.14 -21.36 -20.71
CA GLU B 17 15.10 -22.56 -19.87
C GLU B 17 15.23 -22.22 -18.39
N VAL B 18 16.15 -21.31 -18.03
CA VAL B 18 16.32 -20.94 -16.63
C VAL B 18 15.12 -20.18 -16.11
N SER B 19 14.43 -19.42 -16.97
CA SER B 19 13.20 -18.75 -16.54
C SER B 19 12.14 -19.76 -16.16
N LEU B 20 12.09 -20.89 -16.87
CA LEU B 20 11.11 -21.94 -16.54
C LEU B 20 11.48 -22.64 -15.23
N LEU B 21 12.78 -22.83 -14.98
CA LEU B 21 13.22 -23.40 -13.72
C LEU B 21 12.86 -22.48 -12.56
N SER B 22 13.05 -21.17 -12.73
CA SER B 22 12.69 -20.22 -11.69
C SER B 22 11.19 -20.25 -11.43
N ALA B 23 10.39 -20.56 -12.45
CA ALA B 23 8.94 -20.67 -12.26
C ALA B 23 8.60 -21.83 -11.35
N GLU B 24 9.21 -23.00 -11.60
CA GLU B 24 8.98 -24.16 -10.74
C GLU B 24 9.40 -23.89 -9.30
N GLY B 25 10.40 -23.03 -9.10
CA GLY B 25 10.75 -22.63 -7.75
C GLY B 25 9.73 -21.71 -7.13
N VAL B 26 9.21 -20.75 -7.91
CA VAL B 26 8.18 -19.86 -7.40
C VAL B 26 6.87 -20.61 -7.22
N LEU B 27 6.53 -21.49 -8.17
CA LEU B 27 5.35 -22.32 -8.02
C LEU B 27 5.50 -23.34 -6.89
N ARG B 28 6.71 -23.56 -6.38
CA ARG B 28 6.91 -24.54 -5.32
C ARG B 28 6.19 -24.11 -4.04
N HIS B 29 6.29 -22.83 -3.69
CA HIS B 29 5.67 -22.37 -2.45
C HIS B 29 5.34 -20.88 -2.47
N ILE B 30 4.50 -20.46 -3.40
CA ILE B 30 3.92 -19.12 -3.36
C ILE B 30 2.61 -19.23 -2.57
N PRO B 31 2.43 -18.46 -1.51
CA PRO B 31 1.22 -18.62 -0.68
C PRO B 31 -0.03 -18.04 -1.31
N PHE B 32 -0.23 -18.26 -2.61
CA PHE B 32 -1.40 -17.79 -3.32
C PHE B 32 -1.75 -18.78 -4.42
N PRO B 33 -3.02 -18.86 -4.82
CA PRO B 33 -3.36 -19.57 -6.06
C PRO B 33 -2.78 -18.82 -7.25
N THR B 34 -2.09 -19.55 -8.13
CA THR B 34 -1.31 -18.95 -9.20
C THR B 34 -1.40 -19.79 -10.46
N ASP B 35 -1.81 -19.17 -11.56
CA ASP B 35 -1.82 -19.77 -12.88
C ASP B 35 -0.56 -19.37 -13.64
N LEU B 36 -0.09 -20.29 -14.49
CA LEU B 36 1.16 -20.10 -15.22
C LEU B 36 0.88 -19.82 -16.69
N ALA B 37 1.49 -18.76 -17.20
CA ALA B 37 1.49 -18.44 -18.63
C ALA B 37 2.92 -18.46 -19.12
N VAL B 38 3.16 -19.15 -20.23
CA VAL B 38 4.51 -19.37 -20.75
C VAL B 38 4.66 -18.63 -22.08
N ILE B 39 5.73 -17.86 -22.21
CA ILE B 39 6.12 -17.27 -23.48
C ILE B 39 7.11 -18.22 -24.14
N ALA B 40 6.71 -18.83 -25.25
CA ALA B 40 7.59 -19.76 -25.94
C ALA B 40 8.74 -18.99 -26.62
N GLN B 41 9.69 -19.77 -27.14
CA GLN B 41 10.87 -19.16 -27.75
C GLN B 41 10.57 -18.50 -29.08
N ASP B 42 9.46 -18.85 -29.74
CA ASP B 42 9.10 -18.20 -30.99
C ASP B 42 8.33 -16.91 -30.79
N GLY B 43 7.94 -16.59 -29.56
CA GLY B 43 7.22 -15.37 -29.25
C GLY B 43 5.77 -15.59 -28.87
N ARG B 44 5.17 -16.68 -29.35
CA ARG B 44 3.77 -16.97 -29.06
C ARG B 44 3.63 -17.58 -27.66
N TRP B 45 2.48 -17.34 -27.06
CA TRP B 45 2.22 -17.74 -25.68
C TRP B 45 1.46 -19.05 -25.60
N LEU B 46 1.73 -19.81 -24.54
CA LEU B 46 0.98 -21.00 -24.20
C LEU B 46 0.32 -20.78 -22.84
N LEU B 47 -0.95 -21.12 -22.72
CA LEU B 47 -1.70 -20.93 -21.49
C LEU B 47 -2.17 -22.28 -20.94
N GLY B 48 -2.96 -22.22 -19.88
CA GLY B 48 -3.62 -23.40 -19.33
C GLY B 48 -2.66 -24.51 -18.98
N GLU B 49 -3.09 -25.75 -19.21
CA GLU B 49 -2.24 -26.90 -18.92
C GLU B 49 -1.14 -27.07 -19.96
N LYS B 50 -1.30 -26.49 -21.15
CA LYS B 50 -0.22 -26.54 -22.13
C LYS B 50 0.99 -25.75 -21.67
N ALA B 51 0.78 -24.65 -20.95
CA ALA B 51 1.89 -23.94 -20.33
C ALA B 51 2.55 -24.79 -19.26
N LEU B 52 1.74 -25.50 -18.46
CA LEU B 52 2.30 -26.39 -17.46
C LEU B 52 3.01 -27.57 -18.12
N THR B 53 2.48 -28.06 -19.23
CA THR B 53 3.08 -29.17 -19.96
C THR B 53 4.43 -28.77 -20.55
N LEU B 55 6.04 -26.43 -19.01
CA LEU B 55 6.93 -26.25 -17.87
C LEU B 55 7.49 -27.60 -17.42
N GLU B 56 6.65 -28.64 -17.50
CA GLU B 56 7.09 -29.98 -17.15
C GLU B 56 8.02 -30.59 -18.19
N ALA B 57 8.23 -29.91 -19.32
CA ALA B 57 9.19 -30.33 -20.32
C ALA B 57 10.47 -29.51 -20.29
N LYS B 58 10.53 -28.47 -19.45
CA LYS B 58 11.69 -27.62 -19.22
C LYS B 58 12.12 -26.83 -20.46
N ALA B 59 11.31 -26.81 -21.52
CA ALA B 59 11.59 -26.03 -22.72
C ALA B 59 10.36 -25.98 -23.61
N ALA B 60 9.96 -24.78 -24.03
CA ALA B 60 8.82 -24.59 -24.91
C ALA B 60 9.29 -23.96 -26.22
N PRO B 61 9.52 -24.76 -27.27
CA PRO B 61 10.00 -24.15 -28.53
C PRO B 61 8.94 -23.38 -29.28
N GLU B 62 7.70 -23.86 -29.28
CA GLU B 62 6.63 -23.24 -30.05
C GLU B 62 5.45 -22.92 -29.14
N GLY B 63 4.80 -21.78 -29.40
CA GLY B 63 3.65 -21.34 -28.65
C GLY B 63 2.41 -21.25 -29.52
N GLU B 64 1.27 -21.01 -28.87
CA GLU B 64 -0.01 -20.99 -29.54
C GLU B 64 -0.51 -19.59 -29.87
N HIS B 65 -0.50 -18.68 -28.89
CA HIS B 65 -1.16 -17.39 -29.06
C HIS B 65 -0.14 -16.29 -29.31
N PRO B 66 -0.25 -15.55 -30.41
CA PRO B 66 0.64 -14.40 -30.60
C PRO B 66 0.30 -13.26 -29.66
N PHE B 67 1.32 -12.46 -29.35
CA PHE B 67 1.16 -11.37 -28.39
C PHE B 67 0.37 -10.22 -29.01
N PRO B 68 -0.59 -9.64 -28.29
CA PRO B 68 -0.99 -10.05 -26.93
C PRO B 68 -1.95 -11.23 -26.94
N PRO B 69 -1.83 -12.11 -25.94
CA PRO B 69 -2.60 -13.36 -25.97
C PRO B 69 -4.02 -13.13 -25.48
N PRO B 70 -4.96 -13.99 -25.91
CA PRO B 70 -6.33 -13.90 -25.38
C PRO B 70 -6.40 -14.37 -23.93
N LEU B 71 -5.73 -13.65 -23.03
CA LEU B 71 -5.65 -14.02 -21.63
C LEU B 71 -6.64 -13.20 -20.82
N SER B 72 -7.22 -13.83 -19.81
CA SER B 72 -8.21 -13.18 -18.95
C SER B 72 -7.47 -12.47 -17.81
N TRP B 73 -6.98 -11.27 -18.11
CA TRP B 73 -6.24 -10.50 -17.12
C TRP B 73 -7.12 -10.10 -15.94
N GLU B 74 -8.41 -9.87 -16.17
CA GLU B 74 -9.31 -9.47 -15.10
C GLU B 74 -9.48 -10.53 -14.02
N ARG B 75 -9.03 -11.76 -14.27
CA ARG B 75 -9.15 -12.85 -13.31
C ARG B 75 -7.94 -12.96 -12.40
N TYR B 76 -7.07 -11.95 -12.36
CA TYR B 76 -5.88 -11.99 -11.53
C TYR B 76 -5.72 -10.66 -10.81
N ASP B 77 -5.13 -10.72 -9.62
CA ASP B 77 -4.90 -9.53 -8.81
C ASP B 77 -3.49 -8.99 -8.94
N VAL B 78 -2.51 -9.86 -9.27
CA VAL B 78 -1.14 -9.45 -9.50
C VAL B 78 -0.60 -10.27 -10.68
N VAL B 79 0.35 -9.70 -11.39
CA VAL B 79 1.13 -10.43 -12.39
C VAL B 79 2.57 -10.53 -11.87
N PHE B 80 3.18 -11.70 -12.06
CA PHE B 80 4.55 -11.95 -11.65
C PHE B 80 5.37 -12.25 -12.89
N PRO B 81 5.96 -11.24 -13.53
CA PRO B 81 6.82 -11.50 -14.69
C PRO B 81 8.13 -12.17 -14.29
N LEU B 82 8.28 -13.45 -14.63
CA LEU B 82 9.50 -14.17 -14.31
C LEU B 82 10.28 -14.47 -15.59
N LEU B 83 10.58 -13.42 -16.35
CA LEU B 83 11.34 -13.53 -17.59
C LEU B 83 12.69 -12.85 -17.40
N HIS B 84 13.74 -13.52 -17.82
CA HIS B 84 15.10 -13.00 -17.69
C HIS B 84 15.57 -12.45 -19.02
N GLY B 85 16.36 -11.39 -18.94
CA GLY B 85 16.96 -10.84 -20.13
C GLY B 85 16.01 -9.98 -20.95
N ARG B 86 16.33 -9.86 -22.24
CA ARG B 86 15.55 -9.02 -23.14
C ARG B 86 14.11 -9.52 -23.23
N PHE B 87 13.19 -8.56 -23.35
CA PHE B 87 11.75 -8.86 -23.33
C PHE B 87 11.39 -9.56 -22.02
N GLY B 88 12.06 -9.17 -20.94
CA GLY B 88 11.80 -9.71 -19.63
C GLY B 88 12.14 -8.72 -18.52
N GLU B 89 13.40 -8.31 -18.47
CA GLU B 89 13.87 -7.36 -17.46
C GLU B 89 14.11 -5.96 -18.02
N ASP B 90 13.71 -5.70 -19.27
CA ASP B 90 14.11 -4.47 -19.95
C ASP B 90 12.99 -3.45 -20.07
N GLY B 91 11.88 -3.61 -19.35
CA GLY B 91 10.80 -2.66 -19.36
C GLY B 91 9.73 -2.90 -20.40
N THR B 92 9.96 -3.80 -21.37
CA THR B 92 8.96 -4.05 -22.40
C THR B 92 7.73 -4.73 -21.82
N VAL B 93 7.93 -5.84 -21.10
CA VAL B 93 6.80 -6.53 -20.49
C VAL B 93 6.10 -5.64 -19.48
N GLN B 94 6.88 -4.94 -18.65
CA GLN B 94 6.30 -4.09 -17.61
C GLN B 94 5.47 -2.96 -18.22
N GLY B 95 5.96 -2.36 -19.30
CA GLY B 95 5.17 -1.33 -19.98
C GLY B 95 3.84 -1.87 -20.47
N PHE B 96 3.82 -3.10 -20.96
CA PHE B 96 2.57 -3.74 -21.32
C PHE B 96 1.69 -3.95 -20.09
N LEU B 97 2.29 -4.38 -18.97
CA LEU B 97 1.52 -4.55 -17.74
C LEU B 97 1.07 -3.20 -17.18
N GLU B 98 1.91 -2.16 -17.30
CA GLU B 98 1.52 -0.83 -16.88
C GLU B 98 0.28 -0.36 -17.64
N LEU B 99 0.22 -0.65 -18.95
CA LEU B 99 -0.92 -0.27 -19.76
C LEU B 99 -2.13 -1.16 -19.51
N LEU B 100 -1.93 -2.38 -19.02
CA LEU B 100 -3.04 -3.23 -18.64
C LEU B 100 -3.70 -2.77 -17.35
N GLY B 101 -3.01 -1.96 -16.54
CA GLY B 101 -3.52 -1.58 -15.25
C GLY B 101 -3.42 -2.65 -14.18
N LYS B 102 -2.68 -3.73 -14.46
CA LYS B 102 -2.53 -4.81 -13.50
C LYS B 102 -1.30 -4.56 -12.65
N PRO B 103 -1.42 -4.54 -11.32
CA PRO B 103 -0.21 -4.47 -10.48
C PRO B 103 0.68 -5.69 -10.70
N TYR B 104 1.98 -5.46 -10.74
CA TYR B 104 2.93 -6.50 -11.08
C TYR B 104 4.14 -6.43 -10.17
N VAL B 105 4.79 -7.58 -10.01
CA VAL B 105 5.98 -7.72 -9.17
C VAL B 105 7.20 -7.30 -9.97
N GLY B 106 8.15 -6.65 -9.30
CA GLY B 106 9.40 -6.26 -9.92
C GLY B 106 9.46 -4.77 -10.18
N ALA B 107 10.60 -4.36 -10.73
CA ALA B 107 10.83 -2.94 -11.02
C ALA B 107 9.95 -2.48 -12.16
N GLY B 108 9.66 -1.17 -12.18
CA GLY B 108 8.87 -0.57 -13.22
C GLY B 108 9.63 -0.44 -14.52
N VAL B 109 9.08 0.37 -15.44
CA VAL B 109 9.69 0.50 -16.76
C VAL B 109 11.04 1.20 -16.67
N ALA B 110 11.12 2.27 -15.88
CA ALA B 110 12.33 3.09 -15.83
C ALA B 110 13.51 2.28 -15.32
N ALA B 111 13.39 1.72 -14.11
CA ALA B 111 14.51 1.00 -13.51
C ALA B 111 14.85 -0.27 -14.28
N SER B 112 13.85 -0.96 -14.83
CA SER B 112 14.11 -2.21 -15.54
C SER B 112 14.98 -1.96 -16.77
N ALA B 113 14.60 -1.00 -17.61
CA ALA B 113 15.39 -0.72 -18.80
C ALA B 113 16.75 -0.13 -18.45
N LEU B 114 16.81 0.68 -17.39
CA LEU B 114 18.09 1.30 -17.01
C LEU B 114 19.04 0.27 -16.42
N CYS B 115 18.56 -0.56 -15.49
CA CYS B 115 19.42 -1.61 -14.94
C CYS B 115 19.83 -2.60 -16.01
N MET B 116 18.98 -2.79 -17.02
CA MET B 116 19.30 -3.69 -18.13
C MET B 116 20.39 -3.13 -19.02
N ASP B 117 20.56 -1.81 -19.06
CA ASP B 117 21.55 -1.16 -19.92
C ASP B 117 22.86 -1.08 -19.14
N LYS B 118 23.86 -1.84 -19.59
CA LYS B 118 25.15 -1.88 -18.89
C LYS B 118 25.89 -0.55 -18.95
N ASP B 119 25.55 0.32 -19.89
CA ASP B 119 26.22 1.62 -19.99
C ASP B 119 25.48 2.70 -19.22
N LEU B 120 24.16 2.82 -19.42
CA LEU B 120 23.41 3.89 -18.79
C LEU B 120 23.34 3.72 -17.27
N SER B 121 23.25 2.47 -16.80
CA SER B 121 23.24 2.22 -15.36
C SER B 121 24.55 2.67 -14.73
N LYS B 122 25.69 2.32 -15.35
CA LYS B 122 26.98 2.68 -14.77
C LYS B 122 27.18 4.20 -14.75
N ARG B 123 26.64 4.91 -15.75
CA ARG B 123 26.70 6.36 -15.73
C ARG B 123 25.89 6.93 -14.58
N VAL B 124 24.70 6.36 -14.35
CA VAL B 124 23.88 6.78 -13.20
C VAL B 124 24.61 6.48 -11.90
N LEU B 125 25.19 5.28 -11.81
CA LEU B 125 25.81 4.86 -10.56
C LEU B 125 27.10 5.65 -10.28
N ALA B 126 27.92 5.87 -11.30
CA ALA B 126 29.18 6.56 -11.10
C ALA B 126 28.96 8.01 -10.69
N GLN B 127 27.95 8.66 -11.25
CA GLN B 127 27.63 10.03 -10.85
C GLN B 127 27.19 10.07 -9.39
N ALA B 128 26.45 9.07 -8.94
CA ALA B 128 26.02 8.99 -7.55
C ALA B 128 27.16 8.64 -6.60
N GLY B 129 28.35 8.38 -7.10
CA GLY B 129 29.46 8.03 -6.25
C GLY B 129 29.57 6.56 -5.92
N VAL B 130 28.88 5.70 -6.65
CA VAL B 130 28.98 4.26 -6.44
C VAL B 130 30.11 3.72 -7.32
N PRO B 131 31.06 2.97 -6.77
CA PRO B 131 32.16 2.48 -7.58
C PRO B 131 31.71 1.45 -8.61
N VAL B 132 32.21 1.59 -9.84
CA VAL B 132 32.06 0.60 -10.88
C VAL B 132 33.41 0.40 -11.54
N VAL B 133 33.52 -0.67 -12.31
CA VAL B 133 34.77 -0.96 -13.02
C VAL B 133 34.96 0.07 -14.12
N PRO B 134 36.19 0.36 -14.54
CA PRO B 134 36.38 1.23 -15.69
C PRO B 134 35.71 0.67 -16.94
N TRP B 135 35.05 1.54 -17.69
CA TRP B 135 34.29 1.09 -18.85
C TRP B 135 34.17 2.25 -19.84
N VAL B 136 33.96 1.88 -21.10
CA VAL B 136 33.58 2.81 -22.15
C VAL B 136 32.47 2.18 -22.97
N ALA B 137 31.67 3.02 -23.60
CA ALA B 137 30.64 2.58 -24.53
C ALA B 137 31.18 2.65 -25.94
N VAL B 138 30.80 1.68 -26.77
CA VAL B 138 31.18 1.64 -28.17
C VAL B 138 29.92 1.49 -29.00
N ARG B 139 29.61 2.51 -29.80
CA ARG B 139 28.46 2.47 -30.69
C ARG B 139 28.89 1.99 -32.06
N LYS B 140 28.07 1.12 -32.66
CA LYS B 140 28.36 0.61 -33.99
C LYS B 140 28.49 1.75 -34.99
N GLY B 141 29.55 1.70 -35.80
CA GLY B 141 29.82 2.73 -36.75
C GLY B 141 30.96 3.66 -36.36
N GLU B 142 31.08 4.01 -35.06
CA GLU B 142 32.24 4.82 -34.73
C GLU B 142 33.29 3.97 -33.99
N PRO B 143 34.57 4.17 -34.34
CA PRO B 143 35.62 3.28 -33.81
C PRO B 143 35.75 3.40 -32.32
N PRO B 144 36.23 2.35 -31.65
CA PRO B 144 36.30 2.37 -30.19
C PRO B 144 37.45 3.24 -29.69
N VAL B 145 37.28 3.75 -28.47
CA VAL B 145 38.30 4.53 -27.77
C VAL B 145 38.39 3.97 -26.36
N VAL B 146 39.39 3.14 -26.09
CA VAL B 146 39.56 2.46 -24.81
C VAL B 146 40.83 3.00 -24.16
N PRO B 147 40.72 3.81 -23.11
CA PRO B 147 41.92 4.35 -22.46
C PRO B 147 42.69 3.35 -21.60
N PHE B 148 42.10 2.22 -21.25
CA PHE B 148 42.76 1.20 -20.46
C PHE B 148 43.19 0.02 -21.34
N ASP B 149 44.06 -0.81 -20.79
CA ASP B 149 44.74 -1.91 -21.49
C ASP B 149 44.12 -3.25 -21.12
N PRO B 150 44.33 -4.27 -21.95
CA PRO B 150 43.65 -5.56 -21.73
C PRO B 150 44.08 -6.18 -20.42
N PRO B 151 43.37 -7.20 -19.93
CA PRO B 151 42.19 -7.84 -20.54
C PRO B 151 40.88 -7.07 -20.33
N PHE B 152 40.03 -7.06 -21.35
CA PHE B 152 38.71 -6.46 -21.25
C PHE B 152 37.63 -7.52 -21.25
N PHE B 153 36.45 -7.12 -20.78
CA PHE B 153 35.20 -7.78 -21.14
C PHE B 153 34.48 -6.89 -22.16
N VAL B 154 33.93 -7.51 -23.20
CA VAL B 154 33.18 -6.80 -24.23
C VAL B 154 31.80 -7.43 -24.31
N LYS B 155 30.77 -6.68 -23.95
CA LYS B 155 29.41 -7.16 -23.88
C LYS B 155 28.48 -6.25 -24.68
N PRO B 156 27.39 -6.79 -25.21
CA PRO B 156 26.31 -5.93 -25.71
C PRO B 156 25.68 -5.17 -24.54
N ALA B 157 25.41 -3.89 -24.75
CA ALA B 157 25.08 -3.01 -23.63
C ALA B 157 23.75 -3.41 -22.97
N ASN B 158 22.75 -3.74 -23.78
CA ASN B 158 21.39 -3.95 -23.27
C ASN B 158 20.82 -5.30 -23.70
N THR B 159 21.66 -6.32 -23.81
CA THR B 159 21.20 -7.65 -24.22
C THR B 159 21.01 -8.58 -23.03
N GLY B 160 21.94 -8.58 -22.08
CA GLY B 160 21.85 -9.46 -20.92
C GLY B 160 21.92 -10.93 -21.26
N SER B 162 23.61 -14.06 -21.97
CA SER B 162 25.07 -14.10 -21.88
C SER B 162 25.76 -14.07 -23.25
N VAL B 163 24.95 -14.16 -24.32
CA VAL B 163 25.47 -14.18 -25.67
C VAL B 163 26.09 -12.84 -26.02
N GLY B 164 27.12 -12.88 -26.86
CA GLY B 164 27.81 -11.68 -27.29
C GLY B 164 28.92 -11.20 -26.38
N ILE B 165 29.20 -11.93 -25.30
CA ILE B 165 30.23 -11.53 -24.35
C ILE B 165 31.55 -12.19 -24.73
N SER B 166 32.62 -11.40 -24.74
CA SER B 166 33.95 -11.89 -25.03
C SER B 166 34.93 -11.43 -23.96
N ARG B 167 35.93 -12.27 -23.70
CA ARG B 167 37.07 -11.89 -22.88
C ARG B 167 38.23 -11.60 -23.82
N VAL B 168 38.58 -10.34 -23.97
CA VAL B 168 39.57 -9.89 -24.94
C VAL B 168 40.89 -9.68 -24.19
N GLU B 169 41.89 -10.51 -24.50
CA GLU B 169 43.20 -10.40 -23.88
C GLU B 169 44.22 -9.68 -24.74
N ARG B 170 43.92 -9.45 -26.02
CA ARG B 170 44.80 -8.73 -26.91
C ARG B 170 44.04 -7.54 -27.50
N PHE B 171 44.65 -6.36 -27.44
CA PHE B 171 43.99 -5.14 -27.93
C PHE B 171 43.55 -5.25 -29.38
N GLN B 172 44.18 -6.12 -30.17
CA GLN B 172 43.78 -6.24 -31.57
C GLN B 172 42.60 -7.19 -31.76
N ASP B 173 42.31 -8.04 -30.78
CA ASP B 173 41.12 -8.87 -30.81
C ASP B 173 39.86 -8.08 -30.43
N LEU B 174 40.00 -6.78 -30.18
CA LEU B 174 38.85 -5.96 -29.79
C LEU B 174 37.87 -5.79 -30.96
N GLU B 175 38.39 -5.65 -32.17
CA GLU B 175 37.52 -5.44 -33.33
C GLU B 175 36.62 -6.64 -33.57
N ALA B 176 37.13 -7.85 -33.34
CA ALA B 176 36.31 -9.04 -33.49
C ALA B 176 35.27 -9.15 -32.39
N ALA B 177 35.59 -8.68 -31.18
CA ALA B 177 34.64 -8.72 -30.09
C ALA B 177 33.50 -7.74 -30.32
N LEU B 178 33.82 -6.54 -30.80
CA LEU B 178 32.78 -5.57 -31.12
C LEU B 178 31.89 -6.06 -32.25
N ALA B 179 32.47 -6.72 -33.25
CA ALA B 179 31.67 -7.31 -34.32
C ALA B 179 30.69 -8.34 -33.77
N LEU B 180 31.13 -9.14 -32.80
CA LEU B 180 30.23 -10.12 -32.20
C LEU B 180 29.18 -9.45 -31.33
N ALA B 181 29.58 -8.43 -30.56
CA ALA B 181 28.62 -7.75 -29.69
C ALA B 181 27.61 -6.95 -30.51
N PHE B 182 28.05 -6.33 -31.62
CA PHE B 182 27.15 -5.57 -32.48
C PHE B 182 26.21 -6.45 -33.28
N ARG B 183 26.29 -7.77 -33.14
CA ARG B 183 25.29 -8.65 -33.72
C ARG B 183 24.00 -8.68 -32.91
N TYR B 184 24.05 -8.28 -31.64
CA TYR B 184 22.90 -8.36 -30.76
C TYR B 184 22.42 -7.02 -30.22
N ASP B 185 23.22 -5.96 -30.34
CA ASP B 185 22.85 -4.63 -29.86
C ASP B 185 23.69 -3.60 -30.60
N GLU B 186 23.08 -2.45 -30.89
CA GLU B 186 23.79 -1.38 -31.57
C GLU B 186 24.84 -0.72 -30.68
N LYS B 187 24.83 -0.97 -29.38
CA LYS B 187 25.80 -0.41 -28.46
C LYS B 187 26.44 -1.52 -27.63
N ALA B 188 27.74 -1.41 -27.43
CA ALA B 188 28.50 -2.36 -26.61
C ALA B 188 29.24 -1.60 -25.52
N VAL B 189 29.72 -2.34 -24.53
CA VAL B 189 30.58 -1.80 -23.49
C VAL B 189 31.86 -2.59 -23.46
N VAL B 190 32.96 -1.90 -23.15
CA VAL B 190 34.26 -2.52 -22.96
C VAL B 190 34.64 -2.30 -21.50
N GLU B 191 34.54 -3.35 -20.69
CA GLU B 191 34.83 -3.28 -19.26
C GLU B 191 36.19 -3.88 -18.98
N LYS B 192 36.95 -3.21 -18.12
CA LYS B 192 38.22 -3.76 -17.65
C LYS B 192 37.97 -5.05 -16.88
N ALA B 193 38.64 -6.12 -17.29
CA ALA B 193 38.50 -7.41 -16.63
C ALA B 193 39.41 -7.46 -15.42
N LEU B 194 38.82 -7.47 -14.22
CA LEU B 194 39.60 -7.56 -13.01
C LEU B 194 40.09 -8.99 -12.79
N SER B 195 41.28 -9.11 -12.23
CA SER B 195 41.90 -10.40 -11.95
C SER B 195 43.10 -10.22 -11.03
N PRO B 196 43.14 -10.90 -9.87
CA PRO B 196 42.08 -11.80 -9.37
C PRO B 196 40.86 -11.05 -8.84
N VAL B 197 39.70 -11.70 -8.86
CA VAL B 197 38.45 -11.06 -8.48
C VAL B 197 37.55 -12.08 -7.80
N ARG B 198 36.77 -11.61 -6.83
CA ARG B 198 35.75 -12.41 -6.18
C ARG B 198 34.37 -11.84 -6.51
N GLU B 199 33.40 -12.72 -6.73
CA GLU B 199 32.05 -12.34 -7.08
C GLU B 199 31.20 -12.31 -5.81
N LEU B 200 30.71 -11.13 -5.46
CA LEU B 200 29.86 -10.94 -4.30
C LEU B 200 28.47 -10.51 -4.74
N GLU B 201 27.44 -11.07 -4.10
CA GLU B 201 26.06 -10.81 -4.46
C GLU B 201 25.23 -10.62 -3.20
N VAL B 202 24.26 -9.72 -3.27
CA VAL B 202 23.39 -9.41 -2.14
C VAL B 202 22.01 -9.08 -2.67
N GLY B 203 20.99 -9.53 -1.95
CA GLY B 203 19.61 -9.26 -2.34
C GLY B 203 19.03 -8.03 -1.67
N VAL B 204 18.13 -7.37 -2.38
CA VAL B 204 17.40 -6.21 -1.87
C VAL B 204 15.91 -6.49 -2.01
N LEU B 205 15.14 -6.10 -0.98
CA LEU B 205 13.71 -6.30 -0.95
C LEU B 205 13.05 -5.01 -0.48
N GLY B 206 12.03 -4.56 -1.21
CA GLY B 206 11.30 -3.35 -0.87
C GLY B 206 11.16 -2.42 -2.06
N ASN B 207 10.35 -1.39 -1.84
CA ASN B 207 10.06 -0.41 -2.88
C ASN B 207 10.96 0.81 -2.67
N VAL B 208 11.87 1.02 -3.62
CA VAL B 208 12.94 2.04 -3.59
C VAL B 208 13.69 2.10 -2.26
N PHE B 209 12.99 2.11 -1.12
CA PHE B 209 13.64 2.13 0.19
C PHE B 209 13.60 0.70 0.72
N GLY B 210 14.61 -0.09 0.35
CA GLY B 210 14.62 -1.51 0.61
C GLY B 210 15.50 -1.93 1.77
N GLU B 211 15.58 -3.25 1.95
CA GLU B 211 16.39 -3.88 2.98
C GLU B 211 17.29 -4.93 2.35
N ALA B 212 18.54 -4.97 2.80
CA ALA B 212 19.55 -5.86 2.24
C ALA B 212 19.58 -7.19 2.98
N SER B 213 19.85 -8.24 2.22
CA SER B 213 20.03 -9.59 2.74
C SER B 213 21.49 -9.76 3.14
N PRO B 214 21.87 -10.90 3.72
CA PRO B 214 23.29 -11.19 3.87
C PRO B 214 23.97 -11.33 2.51
N VAL B 215 25.26 -10.97 2.48
CA VAL B 215 26.01 -11.03 1.24
C VAL B 215 26.35 -12.49 0.93
N GLY B 216 26.30 -12.83 -0.37
CA GLY B 216 26.73 -14.13 -0.84
C GLY B 216 28.04 -14.03 -1.61
N GLU B 217 28.47 -15.18 -2.13
CA GLU B 217 29.68 -15.25 -2.93
C GLU B 217 29.63 -16.49 -3.81
N VAL B 218 30.10 -16.33 -5.05
CA VAL B 218 30.26 -17.44 -5.99
C VAL B 218 31.76 -17.67 -6.15
N ARG B 219 32.19 -18.88 -5.82
CA ARG B 219 33.61 -19.23 -5.89
C ARG B 219 33.92 -20.10 -7.11
N ALA B 236 31.51 -24.39 -9.10
CA ALA B 236 30.79 -23.22 -8.63
C ALA B 236 30.06 -23.50 -7.32
N GLU B 237 30.47 -22.82 -6.25
CA GLU B 237 29.85 -22.94 -4.94
C GLU B 237 29.34 -21.58 -4.48
N LEU B 238 28.24 -21.61 -3.73
CA LEU B 238 27.65 -20.42 -3.13
C LEU B 238 27.99 -20.39 -1.65
N LEU B 239 28.73 -19.37 -1.22
CA LEU B 239 29.12 -19.19 0.16
C LEU B 239 28.11 -18.25 0.82
N ILE B 240 27.24 -18.80 1.65
CA ILE B 240 26.17 -18.01 2.28
C ILE B 240 26.25 -18.17 3.79
N PRO B 241 26.64 -17.13 4.53
CA PRO B 241 27.04 -15.84 3.96
C PRO B 241 28.47 -15.85 3.43
N ALA B 242 28.85 -14.78 2.73
CA ALA B 242 30.19 -14.72 2.19
C ALA B 242 31.19 -14.46 3.31
N PRO B 243 32.39 -15.06 3.22
CA PRO B 243 33.43 -14.77 4.22
C PRO B 243 34.15 -13.46 3.93
N LEU B 244 33.65 -12.35 4.49
CA LEU B 244 34.16 -11.02 4.19
C LEU B 244 34.61 -10.33 5.48
N ASP B 245 35.53 -9.38 5.32
CA ASP B 245 35.87 -8.53 6.43
C ASP B 245 34.61 -7.79 6.89
N PRO B 246 34.45 -7.53 8.19
CA PRO B 246 33.21 -6.90 8.67
C PRO B 246 32.92 -5.56 8.00
N GLY B 247 33.96 -4.82 7.62
CA GLY B 247 33.73 -3.53 6.97
C GLY B 247 33.28 -3.68 5.53
N THR B 248 33.88 -4.64 4.79
CA THR B 248 33.53 -4.82 3.39
C THR B 248 32.08 -5.25 3.22
N GLN B 249 31.58 -6.11 4.12
CA GLN B 249 30.21 -6.59 3.96
C GLN B 249 29.20 -5.51 4.31
N GLU B 250 29.57 -4.59 5.20
CA GLU B 250 28.71 -3.44 5.49
C GLU B 250 28.68 -2.48 4.30
N THR B 251 29.83 -2.30 3.64
CA THR B 251 29.88 -1.42 2.48
C THR B 251 29.09 -2.00 1.31
N VAL B 252 29.10 -3.33 1.17
CA VAL B 252 28.31 -3.98 0.12
C VAL B 252 26.83 -3.63 0.27
N GLN B 253 26.29 -3.81 1.47
CA GLN B 253 24.88 -3.51 1.70
C GLN B 253 24.60 -2.01 1.60
N GLU B 254 25.55 -1.17 1.98
CA GLU B 254 25.36 0.27 1.83
C GLU B 254 25.33 0.66 0.36
N LEU B 255 26.26 0.15 -0.44
CA LEU B 255 26.25 0.43 -1.87
C LEU B 255 25.03 -0.19 -2.55
N ALA B 256 24.59 -1.35 -2.07
CA ALA B 256 23.43 -2.01 -2.67
C ALA B 256 22.17 -1.19 -2.44
N LEU B 257 21.90 -0.82 -1.19
CA LEU B 257 20.70 -0.05 -0.90
C LEU B 257 20.72 1.32 -1.55
N LYS B 258 21.91 1.93 -1.68
CA LYS B 258 22.00 3.24 -2.33
C LYS B 258 21.72 3.13 -3.82
N ALA B 259 22.40 2.23 -4.52
CA ALA B 259 22.13 2.02 -5.93
C ALA B 259 20.68 1.63 -6.16
N TYR B 260 20.13 0.81 -5.26
CA TYR B 260 18.72 0.46 -5.33
C TYR B 260 17.84 1.69 -5.22
N LYS B 261 18.25 2.67 -4.40
CA LYS B 261 17.46 3.86 -4.18
C LYS B 261 17.58 4.85 -5.34
N VAL B 262 18.80 5.10 -5.80
CA VAL B 262 19.02 6.08 -6.86
C VAL B 262 18.28 5.67 -8.14
N LEU B 263 18.38 4.39 -8.52
CA LEU B 263 17.72 3.90 -9.71
C LEU B 263 16.21 3.74 -9.56
N GLY B 264 15.70 3.84 -8.34
CA GLY B 264 14.26 3.73 -8.12
C GLY B 264 13.70 2.34 -8.34
N VAL B 265 14.44 1.31 -7.94
CA VAL B 265 13.98 -0.06 -8.15
C VAL B 265 12.83 -0.37 -7.19
N ARG B 266 11.83 -1.10 -7.67
CA ARG B 266 10.71 -1.54 -6.87
C ARG B 266 10.69 -3.05 -6.80
N GLY B 267 10.19 -3.58 -5.68
CA GLY B 267 10.05 -5.01 -5.51
C GLY B 267 11.32 -5.69 -5.05
N MET B 268 12.22 -6.00 -5.97
CA MET B 268 13.40 -6.80 -5.66
C MET B 268 14.53 -6.47 -6.62
N ALA B 269 15.74 -6.86 -6.22
CA ALA B 269 16.90 -6.81 -7.09
C ALA B 269 18.05 -7.57 -6.44
N ARG B 270 18.80 -8.30 -7.25
CA ARG B 270 20.04 -8.92 -6.85
C ARG B 270 21.19 -8.08 -7.38
N VAL B 271 21.97 -7.51 -6.47
CA VAL B 271 23.05 -6.58 -6.84
C VAL B 271 24.37 -7.35 -6.81
N ASP B 272 25.00 -7.47 -7.98
CA ASP B 272 26.24 -8.21 -8.13
C ASP B 272 27.43 -7.27 -8.05
N PHE B 273 28.41 -7.63 -7.23
CA PHE B 273 29.60 -6.83 -7.04
C PHE B 273 30.85 -7.62 -7.42
N PHE B 274 31.92 -6.89 -7.72
CA PHE B 274 33.25 -7.46 -7.86
C PHE B 274 34.13 -6.93 -6.72
N LEU B 275 34.98 -7.81 -6.18
CA LEU B 275 35.92 -7.46 -5.12
C LEU B 275 37.34 -7.78 -5.60
N ALA B 276 38.12 -6.74 -5.90
CA ALA B 276 39.47 -6.90 -6.42
C ALA B 276 40.41 -5.97 -5.66
N GLU B 277 41.41 -6.55 -4.99
CA GLU B 277 42.44 -5.80 -4.29
C GLU B 277 41.83 -4.84 -3.26
N GLY B 278 40.89 -5.35 -2.48
CA GLY B 278 40.29 -4.58 -1.42
C GLY B 278 39.27 -3.55 -1.85
N GLU B 279 39.08 -3.34 -3.15
CA GLU B 279 38.11 -2.38 -3.66
C GLU B 279 36.87 -3.08 -4.16
N LEU B 280 35.71 -2.52 -3.84
CA LEU B 280 34.43 -3.02 -4.33
C LEU B 280 34.03 -2.28 -5.61
N TYR B 281 33.35 -3.01 -6.50
CA TYR B 281 32.82 -2.44 -7.72
C TYR B 281 31.47 -3.06 -8.01
N LEU B 282 30.45 -2.23 -8.20
CA LEU B 282 29.15 -2.74 -8.57
C LEU B 282 29.19 -3.23 -10.01
N ASN B 283 28.92 -4.51 -10.22
CA ASN B 283 28.90 -5.07 -11.57
C ASN B 283 27.60 -4.71 -12.28
N GLU B 284 26.47 -5.12 -11.71
CA GLU B 284 25.16 -4.88 -12.34
C GLU B 284 24.08 -5.18 -11.31
N LEU B 285 22.89 -4.67 -11.59
CA LEU B 285 21.69 -4.99 -10.83
C LEU B 285 20.81 -5.92 -11.65
N ASN B 286 20.16 -6.86 -10.97
CA ASN B 286 19.30 -7.84 -11.61
C ASN B 286 17.89 -7.66 -11.05
N THR B 287 16.98 -7.14 -11.88
CA THR B 287 15.63 -6.86 -11.41
C THR B 287 14.73 -8.10 -11.39
N ILE B 288 14.99 -9.07 -12.27
CA ILE B 288 14.33 -10.37 -12.20
C ILE B 288 15.41 -11.43 -12.06
N PRO B 289 15.92 -11.67 -10.86
CA PRO B 289 16.97 -12.69 -10.69
C PRO B 289 16.39 -14.09 -10.77
N GLY B 290 17.28 -15.07 -10.75
CA GLY B 290 16.85 -16.45 -10.75
C GLY B 290 16.13 -16.83 -9.48
N PHE B 291 15.18 -17.75 -9.61
CA PHE B 291 14.40 -18.25 -8.48
C PHE B 291 14.38 -19.77 -8.46
N THR B 292 15.44 -20.39 -8.98
CA THR B 292 15.57 -21.84 -9.01
C THR B 292 15.95 -22.33 -7.61
N PRO B 293 16.00 -23.65 -7.40
CA PRO B 293 16.56 -24.14 -6.12
C PRO B 293 18.02 -23.81 -5.94
N THR B 294 18.78 -23.69 -7.03
CA THR B 294 20.19 -23.32 -6.96
C THR B 294 20.39 -21.81 -6.82
N SER B 295 19.40 -21.01 -7.25
CA SER B 295 19.59 -19.58 -7.42
C SER B 295 20.00 -18.90 -6.13
N MET B 296 20.64 -17.73 -6.28
CA MET B 296 21.25 -17.08 -5.13
C MET B 296 20.25 -16.18 -4.39
N TYR B 297 19.34 -15.53 -5.12
CA TYR B 297 18.47 -14.55 -4.48
C TYR B 297 17.58 -15.14 -3.40
N PRO B 298 16.81 -16.20 -3.63
CA PRO B 298 15.95 -16.71 -2.53
C PRO B 298 16.75 -17.24 -1.36
N ARG B 299 17.88 -17.90 -1.61
CA ARG B 299 18.68 -18.44 -0.52
C ARG B 299 19.25 -17.33 0.34
N LEU B 300 19.59 -16.18 -0.25
CA LEU B 300 20.19 -15.09 0.51
C LEU B 300 19.23 -14.51 1.52
N PHE B 301 17.93 -14.48 1.21
CA PHE B 301 16.95 -14.03 2.18
C PHE B 301 16.46 -15.13 3.10
N GLU B 302 16.60 -16.40 2.71
CA GLU B 302 16.39 -17.48 3.67
C GLU B 302 17.40 -17.40 4.81
N ALA B 303 18.68 -17.22 4.46
CA ALA B 303 19.72 -17.03 5.46
C ALA B 303 19.50 -15.77 6.28
N GLY B 304 18.78 -14.80 5.73
CA GLY B 304 18.48 -13.55 6.40
C GLY B 304 17.22 -13.55 7.23
N GLY B 305 16.54 -14.69 7.36
CA GLY B 305 15.35 -14.78 8.15
C GLY B 305 14.05 -14.55 7.40
N VAL B 306 14.08 -14.56 6.06
CA VAL B 306 12.89 -14.38 5.25
C VAL B 306 12.67 -15.67 4.49
N ALA B 307 11.64 -16.41 4.87
CA ALA B 307 11.33 -17.69 4.21
C ALA B 307 10.98 -17.49 2.75
N TYR B 308 11.20 -18.55 1.96
CA TYR B 308 10.80 -18.55 0.56
C TYR B 308 9.33 -18.16 0.36
N PRO B 309 8.36 -18.70 1.11
CA PRO B 309 6.99 -18.21 0.94
C PRO B 309 6.82 -16.78 1.41
N GLU B 310 7.49 -16.40 2.50
CA GLU B 310 7.38 -15.03 2.99
C GLU B 310 8.01 -14.03 2.03
N LEU B 311 8.98 -14.47 1.23
CA LEU B 311 9.57 -13.59 0.22
C LEU B 311 8.57 -13.32 -0.90
N LEU B 312 7.97 -14.36 -1.45
CA LEU B 312 7.03 -14.19 -2.55
C LEU B 312 5.79 -13.42 -2.12
N ARG B 313 5.31 -13.65 -0.89
CA ARG B 313 4.15 -12.92 -0.40
C ARG B 313 4.43 -11.43 -0.30
N ARG B 314 5.61 -11.07 0.22
CA ARG B 314 5.96 -9.65 0.31
C ARG B 314 6.21 -9.06 -1.07
N LEU B 315 6.80 -9.84 -1.98
CA LEU B 315 6.91 -9.39 -3.37
C LEU B 315 5.55 -9.11 -3.96
N VAL B 316 4.59 -10.02 -3.74
CA VAL B 316 3.23 -9.79 -4.21
C VAL B 316 2.62 -8.59 -3.48
N GLU B 317 2.84 -8.50 -2.17
CA GLU B 317 2.28 -7.39 -1.40
C GLU B 317 2.85 -6.05 -1.85
N LEU B 318 4.17 -5.97 -2.03
CA LEU B 318 4.79 -4.73 -2.49
C LEU B 318 4.26 -4.31 -3.85
N ALA B 319 3.91 -5.29 -4.70
CA ALA B 319 3.31 -4.97 -5.99
C ALA B 319 1.95 -4.30 -5.82
N LEU B 320 1.15 -4.77 -4.86
CA LEU B 320 -0.13 -4.16 -4.57
C LEU B 320 0.03 -2.83 -3.84
N THR B 321 1.08 -2.71 -3.03
CA THR B 321 1.28 -1.49 -2.25
C THR B 321 1.60 -0.31 -3.16
N HIS B 322 2.58 -0.47 -4.05
CA HIS B 322 2.90 0.59 -5.00
C HIS B 322 1.73 0.90 -5.93
N HIS B 323 0.91 -0.11 -6.23
CA HIS B 323 -0.21 0.03 -7.15
C HIS B 323 -1.24 1.02 -6.61
N MET C 3 -24.24 -24.69 36.37
CA MET C 3 -23.39 -23.83 35.54
C MET C 3 -22.51 -24.67 34.62
N ARG C 4 -22.19 -24.11 33.45
CA ARG C 4 -21.24 -24.75 32.55
C ARG C 4 -20.56 -23.67 31.71
N VAL C 5 -19.24 -23.65 31.75
CA VAL C 5 -18.43 -22.65 31.05
C VAL C 5 -17.85 -23.28 29.79
N LEU C 6 -17.82 -22.52 28.70
CA LEU C 6 -17.10 -22.90 27.50
C LEU C 6 -15.79 -22.12 27.46
N LEU C 7 -14.68 -22.84 27.37
CA LEU C 7 -13.36 -22.25 27.34
C LEU C 7 -12.78 -22.41 25.94
N ILE C 8 -12.48 -21.28 25.29
CA ILE C 8 -11.94 -21.27 23.94
C ILE C 8 -10.47 -20.86 24.02
N ALA C 9 -9.59 -21.70 23.47
CA ALA C 9 -8.16 -21.48 23.55
C ALA C 9 -7.52 -21.77 22.20
N GLY C 10 -6.28 -21.33 22.04
CA GLY C 10 -5.57 -21.46 20.78
C GLY C 10 -5.63 -20.22 19.92
N GLY C 11 -6.33 -20.30 18.79
CA GLY C 11 -6.48 -19.18 17.90
C GLY C 11 -5.50 -19.23 16.74
N VAL C 12 -5.72 -18.34 15.78
CA VAL C 12 -4.87 -18.22 14.60
C VAL C 12 -3.80 -17.15 14.75
N SER C 13 -3.74 -16.48 15.90
CA SER C 13 -2.80 -15.39 16.12
C SER C 13 -1.40 -15.94 16.42
N PRO C 14 -0.38 -15.09 16.33
CA PRO C 14 0.98 -15.55 16.70
C PRO C 14 1.08 -16.05 18.13
N GLU C 15 0.16 -15.65 19.01
CA GLU C 15 0.15 -16.13 20.39
C GLU C 15 -0.67 -17.41 20.56
N HIS C 16 -0.70 -18.26 19.55
CA HIS C 16 -1.49 -19.49 19.61
C HIS C 16 -1.01 -20.40 20.73
N GLU C 17 0.31 -20.62 20.80
CA GLU C 17 0.85 -21.52 21.81
C GLU C 17 0.74 -20.92 23.20
N VAL C 18 0.84 -19.58 23.30
CA VAL C 18 0.71 -18.93 24.60
C VAL C 18 -0.70 -19.15 25.16
N SER C 19 -1.70 -19.18 24.29
CA SER C 19 -3.08 -19.35 24.75
C SER C 19 -3.31 -20.73 25.36
N LEU C 20 -2.80 -21.77 24.69
CA LEU C 20 -2.97 -23.13 25.21
C LEU C 20 -2.26 -23.31 26.54
N LEU C 21 -1.13 -22.62 26.74
CA LEU C 21 -0.47 -22.65 28.03
C LEU C 21 -1.35 -22.08 29.13
N SER C 22 -2.15 -21.06 28.80
CA SER C 22 -3.05 -20.47 29.78
C SER C 22 -4.27 -21.34 30.04
N ALA C 23 -4.77 -22.04 29.02
CA ALA C 23 -5.96 -22.86 29.19
C ALA C 23 -5.71 -24.02 30.14
N GLU C 24 -4.54 -24.66 30.03
CA GLU C 24 -4.23 -25.77 30.93
C GLU C 24 -4.27 -25.33 32.38
N GLY C 25 -3.82 -24.10 32.67
CA GLY C 25 -3.88 -23.61 34.03
C GLY C 25 -5.30 -23.30 34.47
N VAL C 26 -6.10 -22.71 33.59
CA VAL C 26 -7.47 -22.34 33.96
C VAL C 26 -8.33 -23.58 34.10
N LEU C 27 -8.12 -24.59 33.25
CA LEU C 27 -8.96 -25.78 33.27
C LEU C 27 -8.80 -26.55 34.57
N ARG C 28 -7.59 -26.57 35.14
CA ARG C 28 -7.34 -27.33 36.35
C ARG C 28 -8.06 -26.75 37.56
N HIS C 29 -8.28 -25.44 37.59
CA HIS C 29 -8.75 -24.77 38.80
C HIS C 29 -10.08 -24.05 38.67
N ILE C 30 -10.64 -23.93 37.46
CA ILE C 30 -11.90 -23.18 37.33
C ILE C 30 -13.00 -23.89 38.09
N PRO C 31 -13.71 -23.22 39.01
CA PRO C 31 -14.67 -23.93 39.85
C PRO C 31 -16.04 -24.07 39.20
N PHE C 32 -16.07 -24.40 37.91
CA PHE C 32 -17.30 -24.64 37.18
C PHE C 32 -17.09 -25.80 36.23
N PRO C 33 -18.12 -26.59 35.97
CA PRO C 33 -18.04 -27.56 34.87
C PRO C 33 -17.73 -26.82 33.58
N THR C 34 -16.68 -27.27 32.88
CA THR C 34 -16.15 -26.48 31.78
C THR C 34 -15.79 -27.39 30.61
N ASP C 35 -16.24 -27.01 29.42
CA ASP C 35 -15.85 -27.64 28.17
C ASP C 35 -14.76 -26.81 27.50
N LEU C 36 -13.84 -27.50 26.84
CA LEU C 36 -12.75 -26.85 26.13
C LEU C 36 -13.01 -26.90 24.62
N ALA C 37 -12.77 -25.78 23.96
CA ALA C 37 -12.78 -25.70 22.51
C ALA C 37 -11.47 -25.06 22.06
N VAL C 38 -10.79 -25.70 21.13
CA VAL C 38 -9.51 -25.21 20.61
C VAL C 38 -9.72 -24.69 19.20
N ILE C 39 -9.35 -23.44 18.98
CA ILE C 39 -9.30 -22.86 17.63
C ILE C 39 -7.91 -23.14 17.08
N ALA C 40 -7.82 -24.10 16.16
CA ALA C 40 -6.54 -24.46 15.56
C ALA C 40 -5.97 -23.30 14.75
N GLN C 41 -4.70 -23.43 14.39
CA GLN C 41 -3.99 -22.35 13.69
C GLN C 41 -4.53 -22.08 12.30
N ASP C 42 -5.36 -22.96 11.75
CA ASP C 42 -5.96 -22.74 10.43
C ASP C 42 -7.35 -22.15 10.49
N GLY C 43 -7.90 -21.94 11.70
CA GLY C 43 -9.22 -21.40 11.87
C GLY C 43 -10.30 -22.43 12.15
N ARG C 44 -10.03 -23.69 11.89
CA ARG C 44 -11.01 -24.74 12.14
C ARG C 44 -10.95 -25.16 13.60
N TRP C 45 -12.11 -25.54 14.14
CA TRP C 45 -12.28 -25.78 15.57
C TRP C 45 -12.11 -27.25 15.91
N LEU C 46 -11.54 -27.49 17.10
CA LEU C 46 -11.45 -28.81 17.69
C LEU C 46 -12.33 -28.85 18.94
N LEU C 47 -13.05 -29.95 19.12
CA LEU C 47 -14.01 -30.07 20.20
C LEU C 47 -13.73 -31.32 21.02
N GLY C 48 -14.36 -31.37 22.20
CA GLY C 48 -14.36 -32.53 23.07
C GLY C 48 -13.01 -33.20 23.30
N GLU C 49 -12.93 -34.49 22.99
CA GLU C 49 -11.70 -35.23 23.22
C GLU C 49 -10.57 -34.72 22.32
N LYS C 50 -10.90 -34.27 21.12
CA LYS C 50 -9.88 -33.75 20.21
C LYS C 50 -9.28 -32.46 20.75
N ALA C 51 -10.10 -31.56 21.28
CA ALA C 51 -9.60 -30.32 21.84
C ALA C 51 -8.74 -30.57 23.07
N LEU C 52 -9.08 -31.59 23.86
CA LEU C 52 -8.27 -31.94 25.03
C LEU C 52 -6.95 -32.56 24.61
N THR C 53 -6.97 -33.39 23.56
CA THR C 53 -5.73 -33.98 23.05
C THR C 53 -4.77 -32.90 22.59
N ALA C 54 -5.28 -31.94 21.80
CA ALA C 54 -4.43 -30.85 21.31
C ALA C 54 -3.91 -30.00 22.45
N LEU C 55 -4.65 -29.92 23.56
CA LEU C 55 -4.21 -29.11 24.69
C LEU C 55 -2.94 -29.68 25.31
N GLU C 56 -2.89 -30.99 25.52
CA GLU C 56 -1.69 -31.61 26.09
C GLU C 56 -0.51 -31.51 25.13
N ALA C 57 -0.76 -31.52 23.82
CA ALA C 57 0.31 -31.33 22.86
C ALA C 57 0.81 -29.90 22.80
N LYS C 58 0.12 -28.97 23.47
CA LYS C 58 0.50 -27.56 23.53
C LYS C 58 0.55 -26.91 22.14
N ALA C 59 -0.12 -27.50 21.15
CA ALA C 59 -0.17 -26.97 19.80
C ALA C 59 -1.27 -27.70 19.04
N ALA C 60 -1.83 -27.04 18.04
CA ALA C 60 -2.88 -27.62 17.21
C ALA C 60 -2.79 -26.99 15.83
N PRO C 61 -2.14 -27.67 14.87
CA PRO C 61 -2.01 -27.07 13.53
C PRO C 61 -3.31 -27.05 12.75
N GLU C 62 -4.09 -28.12 12.79
CA GLU C 62 -5.28 -28.27 11.96
C GLU C 62 -6.47 -28.66 12.80
N GLY C 63 -7.61 -28.00 12.57
CA GLY C 63 -8.85 -28.31 13.24
C GLY C 63 -9.74 -29.20 12.38
N GLU C 64 -10.93 -29.47 12.92
CA GLU C 64 -11.89 -30.34 12.25
C GLU C 64 -13.15 -29.62 11.78
N HIS C 65 -13.67 -28.69 12.59
CA HIS C 65 -14.94 -28.05 12.30
C HIS C 65 -14.73 -26.63 11.81
N PRO C 66 -15.12 -26.31 10.58
CA PRO C 66 -15.06 -24.91 10.13
C PRO C 66 -16.04 -24.06 10.92
N PHE C 67 -15.65 -22.81 11.15
CA PHE C 67 -16.52 -21.88 11.85
C PHE C 67 -17.76 -21.60 11.00
N PRO C 68 -18.95 -21.55 11.62
CA PRO C 68 -19.22 -21.75 13.05
C PRO C 68 -19.20 -23.22 13.49
N PRO C 69 -18.79 -23.47 14.73
CA PRO C 69 -18.64 -24.85 15.20
C PRO C 69 -19.97 -25.45 15.60
N PRO C 70 -20.10 -26.78 15.55
CA PRO C 70 -21.40 -27.42 15.82
C PRO C 70 -21.84 -27.36 17.26
N LEU C 71 -21.18 -26.56 18.10
CA LEU C 71 -21.48 -26.48 19.51
C LEU C 71 -22.96 -26.13 19.73
N SER C 72 -23.52 -26.66 20.82
CA SER C 72 -24.83 -26.24 21.30
C SER C 72 -24.61 -25.09 22.27
N TRP C 73 -24.77 -23.85 21.78
CA TRP C 73 -24.41 -22.69 22.57
C TRP C 73 -25.28 -22.50 23.80
N GLU C 74 -26.47 -23.10 23.83
CA GLU C 74 -27.38 -22.95 24.96
C GLU C 74 -26.99 -23.81 26.15
N ARG C 75 -26.07 -24.76 25.99
CA ARG C 75 -25.58 -25.52 27.13
C ARG C 75 -24.55 -24.75 27.94
N TYR C 76 -24.10 -23.60 27.45
CA TYR C 76 -23.07 -22.79 28.10
C TYR C 76 -23.67 -21.48 28.58
N ASP C 77 -23.49 -21.19 29.86
CA ASP C 77 -23.95 -19.94 30.44
C ASP C 77 -22.97 -18.80 30.23
N VAL C 78 -21.68 -19.11 30.15
CA VAL C 78 -20.63 -18.12 29.93
C VAL C 78 -19.62 -18.72 28.96
N VAL C 79 -19.02 -17.86 28.14
CA VAL C 79 -17.87 -18.20 27.32
C VAL C 79 -16.65 -17.52 27.92
N PHE C 80 -15.51 -18.22 27.94
CA PHE C 80 -14.24 -17.68 28.40
C PHE C 80 -13.30 -17.62 27.21
N PRO C 81 -13.29 -16.51 26.47
CA PRO C 81 -12.34 -16.37 25.36
C PRO C 81 -10.91 -16.23 25.87
N LEU C 82 -10.27 -17.35 26.18
CA LEU C 82 -8.88 -17.35 26.64
C LEU C 82 -7.94 -17.39 25.42
N LEU C 83 -8.02 -16.31 24.64
CA LEU C 83 -7.25 -16.16 23.42
C LEU C 83 -6.50 -14.84 23.47
N HIS C 84 -5.33 -14.81 22.85
CA HIS C 84 -4.47 -13.63 22.81
C HIS C 84 -4.28 -13.19 21.37
N GLY C 85 -4.14 -11.88 21.18
CA GLY C 85 -3.80 -11.34 19.88
C GLY C 85 -4.95 -11.26 18.90
N ARG C 86 -4.65 -11.54 17.63
CA ARG C 86 -5.63 -11.37 16.57
C ARG C 86 -6.86 -12.25 16.77
N PHE C 87 -8.04 -11.67 16.54
CA PHE C 87 -9.34 -12.35 16.61
C PHE C 87 -9.76 -12.67 18.03
N GLY C 88 -8.85 -13.17 18.86
CA GLY C 88 -9.22 -13.56 20.21
C GLY C 88 -9.38 -12.41 21.18
N GLU C 89 -8.44 -11.47 21.16
CA GLU C 89 -8.40 -10.40 22.14
C GLU C 89 -8.85 -9.04 21.57
N ASP C 90 -9.07 -8.94 20.26
CA ASP C 90 -9.27 -7.66 19.61
C ASP C 90 -10.73 -7.32 19.31
N GLY C 91 -11.68 -8.07 19.87
CA GLY C 91 -13.08 -7.80 19.67
C GLY C 91 -13.79 -8.70 18.67
N THR C 92 -13.04 -9.47 17.88
CA THR C 92 -13.66 -10.35 16.89
C THR C 92 -14.52 -11.42 17.56
N VAL C 93 -13.92 -12.19 18.47
CA VAL C 93 -14.67 -13.22 19.19
C VAL C 93 -15.79 -12.60 20.01
N GLN C 94 -15.49 -11.47 20.66
CA GLN C 94 -16.49 -10.79 21.48
C GLN C 94 -17.70 -10.39 20.63
N GLY C 95 -17.46 -9.94 19.40
CA GLY C 95 -18.57 -9.55 18.54
C GLY C 95 -19.48 -10.72 18.20
N PHE C 96 -18.89 -11.88 17.89
CA PHE C 96 -19.70 -13.07 17.61
C PHE C 96 -20.53 -13.46 18.82
N LEU C 97 -19.95 -13.36 20.02
CA LEU C 97 -20.68 -13.71 21.24
C LEU C 97 -21.78 -12.70 21.53
N GLU C 98 -21.60 -11.44 21.14
CA GLU C 98 -22.67 -10.46 21.25
C GLU C 98 -23.86 -10.84 20.37
N LEU C 99 -23.59 -11.14 19.09
CA LEU C 99 -24.65 -11.59 18.20
C LEU C 99 -25.34 -12.83 18.73
N LEU C 100 -24.56 -13.78 19.25
CA LEU C 100 -25.11 -14.98 19.84
C LEU C 100 -25.85 -14.73 21.14
N GLY C 101 -25.76 -13.52 21.70
CA GLY C 101 -26.40 -13.22 22.96
C GLY C 101 -25.81 -13.99 24.13
N LYS C 102 -24.53 -14.34 24.05
CA LYS C 102 -23.92 -15.19 25.06
C LYS C 102 -23.05 -14.38 26.00
N PRO C 103 -23.23 -14.50 27.31
CA PRO C 103 -22.30 -13.86 28.25
C PRO C 103 -20.88 -14.39 28.06
N TYR C 104 -19.90 -13.53 28.30
CA TYR C 104 -18.52 -13.92 28.13
C TYR C 104 -17.61 -13.10 29.04
N VAL C 105 -16.49 -13.72 29.42
CA VAL C 105 -15.52 -13.11 30.30
C VAL C 105 -14.71 -12.06 29.54
N GLY C 106 -14.44 -10.95 30.20
CA GLY C 106 -13.53 -9.96 29.67
C GLY C 106 -14.24 -8.79 29.00
N ALA C 107 -13.42 -7.96 28.35
CA ALA C 107 -13.89 -6.69 27.80
C ALA C 107 -14.81 -6.91 26.60
N GLY C 108 -15.60 -5.89 26.32
CA GLY C 108 -16.49 -5.92 25.17
C GLY C 108 -15.75 -5.69 23.88
N VAL C 109 -16.53 -5.48 22.81
CA VAL C 109 -15.96 -5.37 21.47
C VAL C 109 -15.12 -4.10 21.36
N ALA C 110 -15.65 -2.96 21.83
CA ALA C 110 -14.95 -1.69 21.66
C ALA C 110 -13.67 -1.64 22.49
N ALA C 111 -13.76 -2.02 23.76
CA ALA C 111 -12.59 -1.98 24.63
C ALA C 111 -11.52 -2.98 24.19
N SER C 112 -11.94 -4.15 23.70
CA SER C 112 -10.98 -5.14 23.25
C SER C 112 -10.20 -4.64 22.04
N ALA C 113 -10.90 -4.14 21.02
CA ALA C 113 -10.24 -3.60 19.84
C ALA C 113 -9.36 -2.41 20.21
N LEU C 114 -9.85 -1.57 21.12
CA LEU C 114 -9.09 -0.38 21.51
C LEU C 114 -7.79 -0.76 22.20
N CYS C 115 -7.87 -1.68 23.16
CA CYS C 115 -6.70 -2.08 23.93
C CYS C 115 -5.72 -2.92 23.11
N MET C 116 -6.18 -3.56 22.04
CA MET C 116 -5.28 -4.29 21.17
C MET C 116 -4.57 -3.40 20.16
N ASP C 117 -5.05 -2.18 19.97
CA ASP C 117 -4.48 -1.24 19.01
C ASP C 117 -3.53 -0.32 19.77
N LYS C 118 -2.22 -0.51 19.57
CA LYS C 118 -1.25 0.28 20.32
C LYS C 118 -1.25 1.74 19.87
N ASP C 119 -1.85 2.06 18.74
CA ASP C 119 -1.96 3.44 18.28
C ASP C 119 -3.20 4.12 18.83
N LEU C 120 -4.37 3.51 18.65
CA LEU C 120 -5.61 4.15 19.08
C LEU C 120 -5.72 4.22 20.59
N SER C 121 -5.28 3.18 21.29
CA SER C 121 -5.30 3.22 22.75
C SER C 121 -4.43 4.37 23.28
N LYS C 122 -3.23 4.53 22.72
CA LYS C 122 -2.40 5.67 23.12
C LYS C 122 -3.08 6.99 22.81
N ARG C 123 -3.83 7.05 21.70
CA ARG C 123 -4.56 8.27 21.38
C ARG C 123 -5.63 8.57 22.42
N VAL C 124 -6.36 7.54 22.85
CA VAL C 124 -7.43 7.74 23.83
C VAL C 124 -6.84 8.03 25.21
N LEU C 125 -5.77 7.31 25.57
CA LEU C 125 -5.16 7.51 26.88
C LEU C 125 -4.56 8.90 27.00
N ALA C 126 -3.87 9.37 25.95
CA ALA C 126 -3.29 10.70 25.98
C ALA C 126 -4.36 11.78 26.06
N GLN C 127 -5.48 11.58 25.35
CA GLN C 127 -6.57 12.55 25.42
C GLN C 127 -7.15 12.62 26.83
N ALA C 128 -7.05 11.55 27.60
CA ALA C 128 -7.49 11.56 28.99
C ALA C 128 -6.43 12.09 29.95
N GLY C 129 -5.27 12.50 29.43
CA GLY C 129 -4.19 12.97 30.28
C GLY C 129 -3.30 11.88 30.84
N VAL C 130 -3.46 10.64 30.39
CA VAL C 130 -2.60 9.55 30.86
C VAL C 130 -1.24 9.67 30.18
N PRO C 131 -0.13 9.67 30.92
CA PRO C 131 1.18 9.82 30.29
C PRO C 131 1.56 8.57 29.50
N VAL C 132 1.98 8.79 28.25
CA VAL C 132 2.40 7.70 27.38
C VAL C 132 3.67 8.12 26.65
N VAL C 133 4.36 7.12 26.13
CA VAL C 133 5.63 7.35 25.43
C VAL C 133 5.35 8.03 24.09
N PRO C 134 6.16 9.01 23.67
CA PRO C 134 5.96 9.61 22.34
C PRO C 134 6.00 8.55 21.25
N TRP C 135 5.06 8.66 20.31
CA TRP C 135 4.91 7.66 19.28
C TRP C 135 4.34 8.29 18.02
N VAL C 136 4.51 7.58 16.91
CA VAL C 136 3.88 7.93 15.64
C VAL C 136 3.31 6.66 15.03
N ALA C 137 2.27 6.82 14.23
CA ALA C 137 1.64 5.71 13.52
C ALA C 137 2.16 5.67 12.09
N VAL C 138 2.54 4.49 11.63
CA VAL C 138 3.07 4.29 10.28
C VAL C 138 2.20 3.24 9.60
N ARG C 139 1.64 3.60 8.45
CA ARG C 139 0.75 2.71 7.71
C ARG C 139 1.46 2.15 6.48
N LYS C 140 1.06 0.94 6.11
CA LYS C 140 1.82 0.14 5.14
C LYS C 140 1.99 0.87 3.81
N GLY C 141 3.24 0.98 3.37
CA GLY C 141 3.55 1.56 2.07
C GLY C 141 3.67 3.07 2.08
N GLU C 142 2.82 3.73 2.85
CA GLU C 142 2.86 5.17 2.98
C GLU C 142 4.13 5.59 3.72
N PRO C 143 4.58 6.83 3.54
CA PRO C 143 5.93 7.20 3.99
C PRO C 143 6.00 7.36 5.49
N PRO C 144 6.95 6.69 6.15
CA PRO C 144 7.11 6.83 7.61
C PRO C 144 7.66 8.20 7.96
N VAL C 145 6.94 8.91 8.82
CA VAL C 145 7.39 10.20 9.34
C VAL C 145 7.52 10.04 10.85
N VAL C 146 8.75 9.89 11.33
CA VAL C 146 9.01 9.75 12.75
C VAL C 146 9.52 11.12 13.27
N PRO C 147 8.75 11.80 14.10
CA PRO C 147 9.15 13.16 14.50
C PRO C 147 10.24 13.21 15.56
N PHE C 148 10.78 12.08 16.01
CA PHE C 148 11.79 12.07 17.06
C PHE C 148 12.97 11.20 16.65
N ASP C 149 14.04 11.28 17.45
CA ASP C 149 15.29 10.59 17.19
C ASP C 149 15.26 9.15 17.72
N PRO C 150 16.01 8.25 17.09
CA PRO C 150 16.16 6.90 17.63
C PRO C 150 16.95 6.94 18.94
N PRO C 151 16.96 5.84 19.72
CA PRO C 151 16.39 4.51 19.47
C PRO C 151 14.87 4.41 19.46
N PHE C 152 14.34 3.58 18.56
CA PHE C 152 12.91 3.31 18.48
C PHE C 152 12.62 1.89 18.93
N PHE C 153 11.36 1.67 19.32
CA PHE C 153 10.75 0.35 19.37
C PHE C 153 9.68 0.33 18.29
N VAL C 154 9.80 -0.61 17.35
CA VAL C 154 8.90 -0.70 16.22
C VAL C 154 7.99 -1.92 16.43
N LYS C 155 6.68 -1.67 16.46
CA LYS C 155 5.72 -2.71 16.74
C LYS C 155 4.60 -2.69 15.70
N PRO C 156 4.08 -3.85 15.32
CA PRO C 156 2.78 -3.86 14.64
C PRO C 156 1.70 -3.38 15.59
N ALA C 157 0.74 -2.63 15.06
CA ALA C 157 -0.21 -1.92 15.91
C ALA C 157 -1.07 -2.87 16.73
N ASN C 158 -1.31 -4.08 16.24
CA ASN C 158 -2.12 -5.08 16.93
C ASN C 158 -1.27 -6.34 17.09
N THR C 159 -0.59 -6.44 18.23
CA THR C 159 0.30 -7.57 18.46
C THR C 159 0.36 -7.88 19.95
N GLY C 160 0.99 -9.00 20.27
CA GLY C 160 1.20 -9.39 21.65
C GLY C 160 2.41 -10.30 21.74
N SER C 161 2.90 -10.45 22.97
CA SER C 161 4.05 -11.32 23.26
C SER C 161 5.31 -10.88 22.51
N SER C 162 5.41 -9.58 22.22
CA SER C 162 6.58 -8.96 21.57
C SER C 162 6.82 -9.50 20.16
N VAL C 163 5.80 -10.09 19.54
CA VAL C 163 5.96 -10.64 18.20
C VAL C 163 6.10 -9.50 17.20
N GLY C 164 7.10 -9.60 16.32
CA GLY C 164 7.31 -8.59 15.31
C GLY C 164 7.83 -7.27 15.81
N ILE C 165 8.37 -7.23 17.02
CA ILE C 165 8.84 -6.00 17.64
C ILE C 165 10.36 -5.95 17.54
N SER C 166 10.89 -4.78 17.18
CA SER C 166 12.32 -4.57 17.04
C SER C 166 12.75 -3.37 17.87
N ARG C 167 13.98 -3.44 18.39
CA ARG C 167 14.63 -2.30 19.02
C ARG C 167 15.61 -1.73 18.02
N VAL C 168 15.32 -0.54 17.51
CA VAL C 168 16.08 0.07 16.42
C VAL C 168 16.99 1.14 16.99
N GLU C 169 18.27 1.07 16.62
CA GLU C 169 19.27 2.03 17.09
C GLU C 169 19.59 3.11 16.07
N ARG C 170 19.64 2.77 14.79
CA ARG C 170 19.96 3.71 13.71
C ARG C 170 18.79 3.80 12.73
N PHE C 171 18.71 4.95 12.07
CA PHE C 171 17.60 5.19 11.13
C PHE C 171 17.67 4.27 9.92
N GLN C 172 18.83 3.69 9.61
CA GLN C 172 18.94 2.77 8.49
C GLN C 172 18.29 1.42 8.78
N ASP C 173 18.06 1.10 10.05
CA ASP C 173 17.41 -0.14 10.43
C ASP C 173 15.89 -0.01 10.52
N LEU C 174 15.35 1.19 10.27
CA LEU C 174 13.91 1.41 10.46
C LEU C 174 13.09 0.65 9.44
N GLU C 175 13.48 0.72 8.16
CA GLU C 175 12.70 0.05 7.11
C GLU C 175 12.63 -1.45 7.36
N ALA C 176 13.75 -2.06 7.74
CA ALA C 176 13.74 -3.49 8.05
C ALA C 176 12.78 -3.79 9.20
N ALA C 177 12.78 -2.94 10.22
CA ALA C 177 11.88 -3.15 11.35
C ALA C 177 10.43 -2.94 10.96
N LEU C 178 10.16 -2.05 10.01
CA LEU C 178 8.78 -1.84 9.56
C LEU C 178 8.30 -3.01 8.71
N ALA C 179 9.18 -3.56 7.88
CA ALA C 179 8.79 -4.71 7.06
C ALA C 179 8.46 -5.92 7.93
N LEU C 180 9.17 -6.09 9.04
CA LEU C 180 8.84 -7.16 9.98
C LEU C 180 7.48 -6.92 10.62
N ALA C 181 7.24 -5.69 11.09
CA ALA C 181 5.96 -5.39 11.72
C ALA C 181 4.80 -5.52 10.75
N PHE C 182 5.02 -5.15 9.48
CA PHE C 182 3.96 -5.20 8.49
C PHE C 182 3.62 -6.62 8.07
N ARG C 183 4.37 -7.62 8.54
CA ARG C 183 3.96 -9.01 8.35
C ARG C 183 2.78 -9.37 9.23
N TYR C 184 2.56 -8.63 10.31
CA TYR C 184 1.52 -8.95 11.29
C TYR C 184 0.39 -7.93 11.34
N ASP C 185 0.51 -6.79 10.66
CA ASP C 185 -0.53 -5.78 10.70
C ASP C 185 -0.33 -4.82 9.54
N GLU C 186 -1.44 -4.19 9.12
CA GLU C 186 -1.41 -3.13 8.12
C GLU C 186 -1.04 -1.78 8.72
N LYS C 187 -0.69 -1.74 10.00
CA LYS C 187 -0.36 -0.51 10.68
C LYS C 187 0.71 -0.80 11.73
N ALA C 188 1.70 0.09 11.84
CA ALA C 188 2.76 -0.04 12.80
C ALA C 188 2.85 1.23 13.64
N VAL C 189 3.42 1.09 14.83
CA VAL C 189 3.71 2.21 15.71
C VAL C 189 5.22 2.29 15.89
N VAL C 190 5.73 3.52 15.94
CA VAL C 190 7.14 3.78 16.20
C VAL C 190 7.22 4.63 17.45
N GLU C 191 7.66 4.02 18.55
CA GLU C 191 7.76 4.70 19.84
C GLU C 191 9.19 5.11 20.12
N LYS C 192 9.34 6.04 21.07
CA LYS C 192 10.65 6.40 21.59
C LYS C 192 11.08 5.36 22.63
N ALA C 193 12.25 4.77 22.41
CA ALA C 193 12.74 3.75 23.32
C ALA C 193 13.14 4.36 24.66
N LEU C 194 12.76 3.70 25.74
CA LEU C 194 13.19 4.08 27.08
C LEU C 194 14.34 3.18 27.52
N SER C 195 15.39 3.80 28.05
CA SER C 195 16.56 3.05 28.50
C SER C 195 17.35 3.87 29.51
N PRO C 196 17.53 3.38 30.74
CA PRO C 196 16.96 2.12 31.20
C PRO C 196 15.48 2.25 31.55
N VAL C 197 14.77 1.13 31.66
CA VAL C 197 13.35 1.15 31.96
C VAL C 197 13.03 -0.01 32.90
N ARG C 198 12.20 0.27 33.89
CA ARG C 198 11.61 -0.78 34.73
C ARG C 198 10.16 -0.99 34.30
N GLU C 199 9.76 -2.25 34.22
CA GLU C 199 8.45 -2.63 33.70
C GLU C 199 7.56 -3.04 34.86
N LEU C 200 6.53 -2.24 35.12
CA LEU C 200 5.61 -2.47 36.22
C LEU C 200 4.25 -2.89 35.67
N GLU C 201 3.63 -3.85 36.34
CA GLU C 201 2.35 -4.41 35.90
C GLU C 201 1.39 -4.49 37.07
N VAL C 202 0.12 -4.18 36.82
CA VAL C 202 -0.92 -4.20 37.83
C VAL C 202 -2.17 -4.80 37.23
N GLY C 203 -2.87 -5.62 38.01
CA GLY C 203 -4.09 -6.26 37.57
C GLY C 203 -5.32 -5.52 38.06
N VAL C 204 -6.34 -5.48 37.21
CA VAL C 204 -7.62 -4.86 37.53
C VAL C 204 -8.72 -5.91 37.43
N LEU C 205 -9.68 -5.85 38.34
CA LEU C 205 -10.80 -6.77 38.33
C LEU C 205 -12.08 -5.98 38.57
N GLY C 206 -13.07 -6.21 37.72
CA GLY C 206 -14.34 -5.52 37.81
C GLY C 206 -14.82 -5.04 36.46
N ASN C 207 -16.01 -4.45 36.48
CA ASN C 207 -16.69 -3.96 35.30
C ASN C 207 -16.64 -2.45 35.32
N VAL C 208 -15.84 -1.87 34.42
CA VAL C 208 -15.65 -0.42 34.28
C VAL C 208 -15.00 0.17 35.53
N PHE C 209 -15.69 0.11 36.66
CA PHE C 209 -15.14 0.60 37.93
C PHE C 209 -14.43 -0.57 38.60
N GLY C 210 -13.11 -0.68 38.37
CA GLY C 210 -12.37 -1.84 38.79
C GLY C 210 -11.71 -1.67 40.13
N GLU C 211 -11.14 -2.77 40.62
CA GLU C 211 -10.30 -2.78 41.81
C GLU C 211 -8.92 -3.28 41.40
N ALA C 212 -7.89 -2.66 41.97
CA ALA C 212 -6.52 -2.91 41.57
C ALA C 212 -5.85 -3.90 42.53
N SER C 213 -5.02 -4.77 41.96
CA SER C 213 -4.16 -5.64 42.74
C SER C 213 -2.91 -4.87 43.15
N PRO C 214 -2.05 -5.46 43.98
CA PRO C 214 -0.73 -4.86 44.20
C PRO C 214 0.05 -4.74 42.91
N VAL C 215 1.00 -3.83 42.89
CA VAL C 215 1.84 -3.59 41.72
C VAL C 215 2.99 -4.58 41.73
N GLY C 216 3.28 -5.17 40.55
CA GLY C 216 4.39 -6.08 40.40
C GLY C 216 5.37 -5.58 39.35
N GLU C 217 6.52 -6.22 39.30
CA GLU C 217 7.57 -5.84 38.36
C GLU C 217 8.15 -7.08 37.71
N VAL C 218 8.56 -6.93 36.45
CA VAL C 218 9.21 -7.99 35.69
C VAL C 218 10.63 -7.55 35.39
N ARG C 219 11.59 -8.41 35.69
CA ARG C 219 12.99 -8.16 35.38
C ARG C 219 13.53 -9.32 34.55
N TYR C 220 14.61 -9.02 33.83
CA TYR C 220 15.15 -9.94 32.83
C TYR C 220 16.51 -9.43 32.41
N GLU C 221 17.30 -10.32 31.82
CA GLU C 221 18.65 -9.99 31.37
C GLU C 221 18.72 -9.65 29.89
N ALA C 222 17.67 -9.94 29.12
CA ALA C 222 17.64 -9.61 27.71
C ALA C 222 17.59 -8.09 27.52
N PRO C 223 17.93 -7.60 26.31
CA PRO C 223 17.80 -6.16 26.07
C PRO C 223 16.39 -5.63 26.26
N PHE C 224 15.37 -6.43 25.95
CA PHE C 224 14.00 -6.05 26.27
C PHE C 224 13.18 -7.32 26.47
N TYR C 225 11.97 -7.14 27.00
CA TYR C 225 11.05 -8.23 27.32
C TYR C 225 10.50 -8.83 26.03
N ASP C 226 11.33 -9.62 25.34
CA ASP C 226 10.96 -10.16 24.03
C ASP C 226 10.27 -11.52 24.19
N TYR C 227 10.11 -12.24 23.08
CA TYR C 227 9.32 -13.47 23.09
C TYR C 227 10.01 -14.56 23.91
N GLU C 228 11.26 -14.90 23.55
CA GLU C 228 11.96 -15.99 24.23
C GLU C 228 12.07 -15.73 25.73
N THR C 229 12.28 -14.47 26.12
CA THR C 229 12.32 -14.14 27.53
C THR C 229 10.95 -14.34 28.19
N LYS C 230 9.87 -14.14 27.44
CA LYS C 230 8.55 -14.16 28.03
C LYS C 230 8.05 -15.57 28.36
N TYR C 231 8.39 -16.55 27.52
CA TYR C 231 7.75 -17.86 27.65
C TYR C 231 8.72 -19.01 27.82
N THR C 232 10.01 -18.75 27.96
CA THR C 232 10.94 -19.76 28.46
C THR C 232 11.03 -19.63 29.97
N PRO C 233 10.70 -20.68 30.73
CA PRO C 233 10.76 -20.55 32.20
C PRO C 233 12.17 -20.21 32.67
N GLY C 234 12.23 -19.40 33.72
CA GLY C 234 13.49 -19.01 34.32
C GLY C 234 14.16 -17.81 33.69
N ARG C 235 13.68 -17.33 32.54
CA ARG C 235 14.21 -16.13 31.90
C ARG C 235 13.62 -14.85 32.47
N ALA C 236 12.38 -14.89 32.94
CA ALA C 236 11.71 -13.73 33.51
C ALA C 236 11.63 -13.84 35.03
N GLU C 237 11.67 -12.70 35.70
CA GLU C 237 11.66 -12.62 37.15
C GLU C 237 10.52 -11.71 37.59
N LEU C 238 9.60 -12.24 38.38
CA LEU C 238 8.39 -11.51 38.78
C LEU C 238 8.52 -11.10 40.25
N LEU C 239 8.55 -9.79 40.50
CA LEU C 239 8.72 -9.25 41.85
C LEU C 239 7.36 -8.79 42.35
N ILE C 240 6.84 -9.49 43.36
CA ILE C 240 5.50 -9.22 43.87
C ILE C 240 5.54 -9.11 45.38
N PRO C 241 5.29 -7.93 45.96
CA PRO C 241 5.02 -6.71 45.20
C PRO C 241 6.29 -6.04 44.70
N ALA C 242 6.15 -5.09 43.78
CA ALA C 242 7.30 -4.41 43.23
C ALA C 242 7.96 -3.51 44.28
N PRO C 243 9.28 -3.39 44.27
CA PRO C 243 9.95 -2.44 45.17
C PRO C 243 9.77 -1.00 44.71
N LEU C 244 8.76 -0.32 45.25
CA LEU C 244 8.45 1.05 44.88
C LEU C 244 8.03 1.82 46.12
N ASP C 245 8.19 3.14 46.06
CA ASP C 245 7.66 3.99 47.11
C ASP C 245 6.13 3.90 47.14
N PRO C 246 5.51 4.13 48.30
CA PRO C 246 4.05 4.07 48.36
C PRO C 246 3.36 5.03 47.40
N GLY C 247 3.86 6.25 47.29
CA GLY C 247 3.26 7.21 46.36
C GLY C 247 3.37 6.76 44.91
N THR C 248 4.49 6.10 44.56
CA THR C 248 4.65 5.58 43.22
C THR C 248 3.71 4.41 42.97
N GLN C 249 3.51 3.55 43.97
CA GLN C 249 2.59 2.43 43.81
C GLN C 249 1.15 2.91 43.65
N GLU C 250 0.73 3.88 44.47
CA GLU C 250 -0.65 4.37 44.37
C GLU C 250 -0.88 5.07 43.03
N THR C 251 0.13 5.80 42.53
CA THR C 251 -0.02 6.45 41.24
C THR C 251 -0.17 5.43 40.12
N VAL C 252 0.51 4.29 40.23
CA VAL C 252 0.36 3.24 39.22
C VAL C 252 -1.05 2.65 39.29
N GLN C 253 -1.55 2.41 40.51
CA GLN C 253 -2.85 1.78 40.67
C GLN C 253 -3.97 2.70 40.20
N GLU C 254 -3.87 4.00 40.52
CA GLU C 254 -4.96 4.91 40.15
C GLU C 254 -4.94 5.22 38.65
N LEU C 255 -3.76 5.30 38.05
CA LEU C 255 -3.68 5.45 36.59
C LEU C 255 -4.27 4.23 35.89
N ALA C 256 -4.03 3.03 36.44
CA ALA C 256 -4.62 1.83 35.86
C ALA C 256 -6.14 1.87 35.92
N LEU C 257 -6.69 2.28 37.07
CA LEU C 257 -8.14 2.34 37.19
C LEU C 257 -8.73 3.48 36.36
N LYS C 258 -8.01 4.58 36.21
CA LYS C 258 -8.48 5.66 35.36
C LYS C 258 -8.55 5.23 33.90
N ALA C 259 -7.50 4.57 33.41
CA ALA C 259 -7.52 4.07 32.04
C ALA C 259 -8.58 3.00 31.86
N TYR C 260 -8.63 2.04 32.78
CA TYR C 260 -9.64 0.99 32.77
C TYR C 260 -11.04 1.57 32.64
N LYS C 261 -11.32 2.62 33.41
CA LYS C 261 -12.64 3.26 33.38
C LYS C 261 -12.83 4.07 32.10
N VAL C 262 -11.80 4.77 31.65
CA VAL C 262 -11.91 5.58 30.44
C VAL C 262 -12.18 4.70 29.23
N LEU C 263 -11.40 3.64 29.07
CA LEU C 263 -11.57 2.71 27.96
C LEU C 263 -12.78 1.81 28.13
N GLY C 264 -13.47 1.87 29.27
CA GLY C 264 -14.65 1.06 29.47
C GLY C 264 -14.40 -0.43 29.48
N VAL C 265 -13.30 -0.86 30.10
CA VAL C 265 -12.96 -2.27 30.12
C VAL C 265 -13.82 -3.00 31.13
N ARG C 266 -14.20 -4.23 30.81
CA ARG C 266 -15.01 -5.07 31.69
C ARG C 266 -14.25 -6.33 32.05
N GLY C 267 -14.65 -6.94 33.16
CA GLY C 267 -14.07 -8.19 33.60
C GLY C 267 -12.69 -8.06 34.19
N MET C 268 -11.69 -7.82 33.34
CA MET C 268 -10.30 -7.79 33.79
C MET C 268 -9.45 -7.08 32.75
N ALA C 269 -8.24 -6.72 33.18
CA ALA C 269 -7.19 -6.20 32.31
C ALA C 269 -5.92 -6.07 33.14
N ARG C 270 -4.80 -6.49 32.57
CA ARG C 270 -3.49 -6.26 33.16
C ARG C 270 -2.90 -5.01 32.52
N VAL C 271 -2.64 -3.99 33.32
CA VAL C 271 -2.17 -2.70 32.86
C VAL C 271 -0.66 -2.63 33.07
N ASP C 272 0.08 -2.50 31.98
CA ASP C 272 1.53 -2.50 32.02
C ASP C 272 2.07 -1.09 31.87
N PHE C 273 3.05 -0.75 32.68
CA PHE C 273 3.63 0.59 32.73
C PHE C 273 5.12 0.53 32.42
N PHE C 274 5.68 1.71 32.18
CA PHE C 274 7.12 1.91 32.09
C PHE C 274 7.55 2.85 33.22
N LEU C 275 8.62 2.48 33.93
CA LEU C 275 9.20 3.32 34.96
C LEU C 275 10.66 3.54 34.56
N ALA C 276 10.92 4.65 33.88
CA ALA C 276 12.25 4.99 33.39
C ALA C 276 12.75 6.18 34.21
N GLU C 277 13.37 5.87 35.35
CA GLU C 277 13.91 6.87 36.26
C GLU C 277 12.84 7.86 36.73
N GLY C 278 11.83 7.31 37.39
CA GLY C 278 10.84 8.15 38.01
C GLY C 278 9.68 8.49 37.09
N GLU C 279 9.95 8.65 35.80
CA GLU C 279 8.92 9.00 34.85
C GLU C 279 8.00 7.80 34.59
N LEU C 280 6.70 7.97 34.87
CA LEU C 280 5.73 6.93 34.64
C LEU C 280 5.07 7.10 33.27
N TYR C 281 4.91 5.98 32.57
CA TYR C 281 4.23 5.93 31.29
C TYR C 281 3.38 4.67 31.23
N LEU C 282 2.15 4.80 30.75
CA LEU C 282 1.32 3.63 30.50
C LEU C 282 1.70 3.05 29.14
N ASN C 283 2.10 1.78 29.12
CA ASN C 283 2.57 1.13 27.91
C ASN C 283 1.40 0.56 27.09
N GLU C 284 0.61 -0.32 27.71
CA GLU C 284 -0.50 -0.97 27.02
C GLU C 284 -1.40 -1.63 28.06
N LEU C 285 -2.62 -1.91 27.65
CA LEU C 285 -3.53 -2.75 28.42
C LEU C 285 -3.70 -4.08 27.71
N ASN C 286 -3.73 -5.16 28.49
CA ASN C 286 -3.94 -6.51 27.97
C ASN C 286 -5.22 -7.04 28.61
N THR C 287 -6.27 -7.23 27.81
CA THR C 287 -7.57 -7.64 28.31
C THR C 287 -7.68 -9.14 28.52
N ILE C 288 -6.85 -9.93 27.84
CA ILE C 288 -6.74 -11.36 28.13
C ILE C 288 -5.29 -11.64 28.53
N PRO C 289 -4.91 -11.34 29.77
CA PRO C 289 -3.51 -11.53 30.17
C PRO C 289 -3.16 -13.01 30.25
N GLY C 290 -1.85 -13.27 30.34
CA GLY C 290 -1.35 -14.61 30.58
C GLY C 290 -1.99 -15.19 31.83
N PHE C 291 -2.48 -16.43 31.75
CA PHE C 291 -3.33 -16.94 32.82
C PHE C 291 -2.93 -18.36 33.22
N THR C 292 -1.63 -18.61 33.31
CA THR C 292 -1.14 -19.78 34.02
C THR C 292 -1.23 -19.50 35.51
N PRO C 293 -1.12 -20.53 36.37
CA PRO C 293 -1.03 -20.26 37.81
C PRO C 293 0.15 -19.39 38.19
N THR C 294 1.24 -19.44 37.42
CA THR C 294 2.44 -18.67 37.70
C THR C 294 2.51 -17.36 36.92
N SER C 295 1.52 -17.05 36.10
CA SER C 295 1.54 -15.80 35.34
C SER C 295 1.34 -14.61 36.27
N MET C 296 1.69 -13.42 35.74
CA MET C 296 1.71 -12.22 36.58
C MET C 296 0.32 -11.86 37.08
N TYR C 297 -0.68 -11.87 36.20
CA TYR C 297 -2.02 -11.44 36.60
C TYR C 297 -2.61 -12.33 37.70
N PRO C 298 -2.62 -13.67 37.57
CA PRO C 298 -3.07 -14.46 38.73
C PRO C 298 -2.21 -14.29 39.96
N ARG C 299 -0.89 -14.25 39.81
CA ARG C 299 0.00 -14.06 40.95
C ARG C 299 -0.27 -12.72 41.64
N LEU C 300 -0.56 -11.68 40.85
CA LEU C 300 -0.78 -10.36 41.45
C LEU C 300 -2.05 -10.34 42.30
N PHE C 301 -3.15 -10.83 41.76
CA PHE C 301 -4.39 -10.87 42.55
C PHE C 301 -4.34 -11.95 43.62
N GLU C 302 -3.47 -12.96 43.47
CA GLU C 302 -3.22 -13.88 44.57
C GLU C 302 -2.61 -13.12 45.76
N ALA C 303 -1.64 -12.25 45.49
CA ALA C 303 -1.07 -11.43 46.54
C ALA C 303 -2.06 -10.40 47.06
N GLY C 304 -3.15 -10.17 46.33
CA GLY C 304 -4.23 -9.31 46.76
C GLY C 304 -5.31 -10.00 47.57
N GLY C 305 -5.09 -11.25 47.97
CA GLY C 305 -6.07 -11.99 48.73
C GLY C 305 -7.19 -12.60 47.92
N VAL C 306 -6.95 -12.86 46.64
CA VAL C 306 -7.93 -13.47 45.75
C VAL C 306 -7.28 -14.71 45.15
N ALA C 307 -7.63 -15.89 45.65
CA ALA C 307 -7.02 -17.12 45.19
C ALA C 307 -7.39 -17.40 43.73
N TYR C 308 -6.52 -18.16 43.06
CA TYR C 308 -6.72 -18.52 41.66
C TYR C 308 -8.10 -19.09 41.36
N PRO C 309 -8.65 -20.02 42.14
CA PRO C 309 -10.04 -20.44 41.86
C PRO C 309 -11.04 -19.34 42.12
N GLU C 310 -10.84 -18.54 43.17
CA GLU C 310 -11.74 -17.43 43.44
C GLU C 310 -11.65 -16.35 42.37
N LEU C 311 -10.46 -16.14 41.81
CA LEU C 311 -10.31 -15.19 40.72
C LEU C 311 -11.09 -15.64 39.48
N LEU C 312 -11.02 -16.94 39.16
CA LEU C 312 -11.77 -17.46 38.03
C LEU C 312 -13.27 -17.40 38.27
N ARG C 313 -13.69 -17.60 39.53
CA ARG C 313 -15.10 -17.53 39.86
C ARG C 313 -15.64 -16.11 39.64
N ARG C 314 -14.90 -15.11 40.13
CA ARG C 314 -15.38 -13.74 40.01
C ARG C 314 -15.39 -13.26 38.56
N LEU C 315 -14.46 -13.74 37.73
CA LEU C 315 -14.49 -13.39 36.32
C LEU C 315 -15.75 -13.89 35.64
N VAL C 316 -16.15 -15.13 35.94
CA VAL C 316 -17.34 -15.71 35.33
C VAL C 316 -18.59 -15.01 35.84
N GLU C 317 -18.62 -14.65 37.13
CA GLU C 317 -19.79 -14.00 37.69
C GLU C 317 -19.95 -12.57 37.16
N LEU C 318 -18.83 -11.86 36.99
CA LEU C 318 -18.88 -10.51 36.44
C LEU C 318 -19.47 -10.52 35.04
N ALA C 319 -19.21 -11.57 34.25
CA ALA C 319 -19.81 -11.67 32.93
C ALA C 319 -21.32 -11.86 33.00
N LEU C 320 -21.78 -12.64 33.98
CA LEU C 320 -23.22 -12.80 34.18
C LEU C 320 -23.84 -11.52 34.72
N THR C 321 -23.13 -10.82 35.61
CA THR C 321 -23.62 -9.55 36.15
C THR C 321 -23.73 -8.48 35.07
N HIS C 322 -23.01 -8.62 33.95
CA HIS C 322 -23.10 -7.63 32.88
C HIS C 322 -24.19 -7.96 31.87
N HIS C 323 -24.16 -9.17 31.30
CA HIS C 323 -25.11 -9.55 30.26
C HIS C 323 -26.53 -9.40 30.82
N HIS C 324 -26.86 -10.23 31.81
CA HIS C 324 -28.02 -9.96 32.63
C HIS C 324 -27.64 -8.95 33.69
N HIS C 325 -28.64 -8.19 34.16
CA HIS C 325 -28.57 -7.03 35.07
C HIS C 325 -28.13 -5.75 34.35
N HIS C 326 -27.62 -5.82 33.12
CA HIS C 326 -27.34 -4.60 32.36
C HIS C 326 -27.72 -4.76 30.89
N MET D 3 -18.29 -14.81 -9.01
CA MET D 3 -18.37 -13.75 -8.00
C MET D 3 -19.79 -13.60 -7.47
N ARG D 4 -20.08 -14.28 -6.37
CA ARG D 4 -21.40 -14.29 -5.76
C ARG D 4 -21.38 -13.50 -4.46
N VAL D 5 -22.41 -12.68 -4.26
CA VAL D 5 -22.51 -11.79 -3.12
C VAL D 5 -23.66 -12.25 -2.23
N LEU D 6 -23.43 -12.18 -0.91
CA LEU D 6 -24.50 -12.34 0.07
C LEU D 6 -24.80 -10.98 0.67
N LEU D 7 -26.07 -10.58 0.60
CA LEU D 7 -26.53 -9.31 1.12
C LEU D 7 -27.38 -9.59 2.37
N ILE D 8 -26.99 -8.97 3.50
CA ILE D 8 -27.70 -9.12 4.76
C ILE D 8 -28.35 -7.80 5.08
N ALA D 9 -29.66 -7.82 5.31
CA ALA D 9 -30.42 -6.62 5.60
C ALA D 9 -31.43 -6.90 6.71
N GLY D 10 -32.04 -5.83 7.20
CA GLY D 10 -32.99 -5.94 8.30
C GLY D 10 -32.34 -5.62 9.64
N GLY D 11 -32.20 -6.63 10.49
CA GLY D 11 -31.59 -6.46 11.79
C GLY D 11 -32.61 -6.18 12.87
N VAL D 12 -32.14 -6.33 14.13
CA VAL D 12 -32.98 -6.08 15.29
C VAL D 12 -33.04 -4.62 15.69
N SER D 13 -32.21 -3.76 15.10
CA SER D 13 -32.19 -2.35 15.46
C SER D 13 -33.49 -1.68 15.02
N PRO D 14 -33.82 -0.53 15.62
CA PRO D 14 -35.00 0.22 15.15
C PRO D 14 -34.92 0.66 13.71
N GLU D 15 -33.71 0.71 13.13
CA GLU D 15 -33.54 0.97 11.71
C GLU D 15 -33.78 -0.26 10.84
N HIS D 16 -34.61 -1.20 11.32
CA HIS D 16 -34.85 -2.43 10.58
C HIS D 16 -35.51 -2.14 9.24
N GLU D 17 -36.55 -1.29 9.24
CA GLU D 17 -37.27 -1.01 8.00
C GLU D 17 -36.39 -0.28 6.99
N VAL D 18 -35.62 0.72 7.43
CA VAL D 18 -34.77 1.45 6.50
C VAL D 18 -33.60 0.61 6.03
N SER D 19 -33.25 -0.45 6.75
CA SER D 19 -32.23 -1.37 6.27
C SER D 19 -32.73 -2.20 5.10
N LEU D 20 -33.99 -2.64 5.16
CA LEU D 20 -34.58 -3.37 4.04
C LEU D 20 -34.80 -2.48 2.83
N LEU D 21 -35.13 -1.21 3.05
CA LEU D 21 -35.20 -0.27 1.94
C LEU D 21 -33.85 -0.11 1.27
N SER D 22 -32.78 -0.07 2.06
CA SER D 22 -31.43 0.04 1.49
C SER D 22 -31.07 -1.21 0.71
N ALA D 23 -31.64 -2.36 1.06
CA ALA D 23 -31.37 -3.57 0.30
C ALA D 23 -32.05 -3.52 -1.07
N GLU D 24 -33.22 -2.88 -1.15
CA GLU D 24 -33.88 -2.74 -2.43
C GLU D 24 -33.06 -1.88 -3.38
N GLY D 25 -32.36 -0.87 -2.84
CA GLY D 25 -31.51 -0.04 -3.69
C GLY D 25 -30.29 -0.78 -4.18
N VAL D 26 -29.64 -1.53 -3.30
CA VAL D 26 -28.41 -2.23 -3.68
C VAL D 26 -28.73 -3.34 -4.67
N LEU D 27 -29.81 -4.08 -4.44
CA LEU D 27 -30.15 -5.21 -5.32
C LEU D 27 -30.44 -4.77 -6.74
N ARG D 28 -30.92 -3.53 -6.92
CA ARG D 28 -31.26 -3.07 -8.27
C ARG D 28 -30.01 -2.83 -9.11
N HIS D 29 -28.93 -2.37 -8.50
CA HIS D 29 -27.76 -1.90 -9.25
C HIS D 29 -26.48 -2.69 -8.97
N ILE D 30 -26.51 -3.70 -8.12
CA ILE D 30 -25.27 -4.44 -7.86
C ILE D 30 -24.91 -5.26 -9.10
N PRO D 31 -23.68 -5.13 -9.63
CA PRO D 31 -23.34 -5.81 -10.88
C PRO D 31 -23.05 -7.29 -10.74
N PHE D 32 -23.11 -7.85 -9.53
CA PHE D 32 -22.79 -9.26 -9.32
C PHE D 32 -24.04 -10.05 -8.98
N PRO D 33 -24.05 -11.36 -9.23
CA PRO D 33 -25.11 -12.21 -8.70
C PRO D 33 -25.16 -12.13 -7.18
N THR D 34 -26.35 -11.85 -6.64
CA THR D 34 -26.49 -11.53 -5.23
C THR D 34 -27.73 -12.19 -4.66
N ASP D 35 -27.56 -12.86 -3.51
CA ASP D 35 -28.66 -13.45 -2.77
C ASP D 35 -28.87 -12.68 -1.48
N LEU D 36 -30.13 -12.57 -1.07
CA LEU D 36 -30.50 -11.78 0.11
C LEU D 36 -30.78 -12.71 1.29
N ALA D 37 -30.19 -12.37 2.44
CA ALA D 37 -30.53 -12.96 3.72
C ALA D 37 -31.05 -11.85 4.63
N VAL D 38 -32.08 -12.16 5.41
CA VAL D 38 -32.75 -11.16 6.25
C VAL D 38 -32.62 -11.59 7.71
N ILE D 39 -32.18 -10.67 8.56
CA ILE D 39 -32.27 -10.83 10.00
C ILE D 39 -33.58 -10.17 10.44
N ALA D 40 -34.52 -10.98 10.93
CA ALA D 40 -35.80 -10.43 11.34
C ALA D 40 -35.65 -9.63 12.63
N GLN D 41 -36.74 -8.94 13.00
CA GLN D 41 -36.72 -8.14 14.21
C GLN D 41 -36.66 -8.97 15.49
N ASP D 42 -36.89 -10.28 15.39
CA ASP D 42 -36.72 -11.18 16.53
C ASP D 42 -35.35 -11.81 16.57
N GLY D 43 -34.45 -11.42 15.67
CA GLY D 43 -33.09 -11.93 15.64
C GLY D 43 -32.87 -13.14 14.75
N ARG D 44 -33.93 -13.88 14.43
CA ARG D 44 -33.80 -15.09 13.64
C ARG D 44 -33.91 -14.77 12.15
N TRP D 45 -33.21 -15.56 11.34
CA TRP D 45 -32.95 -15.21 9.95
C TRP D 45 -33.99 -15.80 9.01
N LEU D 46 -34.18 -15.11 7.88
CA LEU D 46 -34.98 -15.58 6.77
C LEU D 46 -34.10 -15.70 5.54
N LEU D 47 -34.17 -16.83 4.85
CA LEU D 47 -33.30 -17.14 3.73
C LEU D 47 -34.12 -17.43 2.48
N GLY D 48 -33.42 -17.54 1.36
CA GLY D 48 -34.04 -17.95 0.12
C GLY D 48 -35.13 -17.00 -0.34
N GLU D 49 -36.19 -17.57 -0.92
CA GLU D 49 -37.35 -16.82 -1.36
C GLU D 49 -38.16 -16.23 -0.21
N LYS D 50 -37.97 -16.71 1.01
CA LYS D 50 -38.62 -16.09 2.16
C LYS D 50 -37.99 -14.76 2.52
N ALA D 51 -36.67 -14.63 2.31
CA ALA D 51 -36.02 -13.34 2.53
C ALA D 51 -36.49 -12.32 1.50
N LEU D 52 -36.65 -12.74 0.24
CA LEU D 52 -37.22 -11.86 -0.76
C LEU D 52 -38.66 -11.52 -0.42
N THR D 53 -39.42 -12.49 0.09
CA THR D 53 -40.77 -12.21 0.58
C THR D 53 -40.75 -11.16 1.67
N ALA D 54 -39.76 -11.23 2.57
CA ALA D 54 -39.63 -10.24 3.63
C ALA D 54 -39.33 -8.86 3.08
N LEU D 55 -38.59 -8.78 1.97
CA LEU D 55 -38.25 -7.48 1.40
C LEU D 55 -39.49 -6.78 0.86
N GLU D 56 -40.37 -7.53 0.18
CA GLU D 56 -41.58 -6.93 -0.38
C GLU D 56 -42.56 -6.50 0.71
N ALA D 57 -42.49 -7.10 1.90
CA ALA D 57 -43.32 -6.67 3.01
C ALA D 57 -42.76 -5.43 3.71
N LYS D 58 -41.53 -5.04 3.39
CA LYS D 58 -40.83 -3.88 3.96
C LYS D 58 -40.64 -3.98 5.47
N ALA D 59 -40.90 -5.15 6.05
CA ALA D 59 -40.72 -5.39 7.48
C ALA D 59 -40.84 -6.88 7.78
N ALA D 60 -39.81 -7.47 8.39
CA ALA D 60 -39.79 -8.90 8.72
C ALA D 60 -39.84 -9.06 10.24
N PRO D 61 -41.03 -9.19 10.82
CA PRO D 61 -41.10 -9.26 12.29
C PRO D 61 -40.57 -10.57 12.87
N GLU D 62 -40.70 -11.69 12.15
CA GLU D 62 -40.31 -12.98 12.68
C GLU D 62 -39.52 -13.76 11.64
N GLY D 63 -38.48 -14.46 12.09
CA GLY D 63 -37.64 -15.26 11.23
C GLY D 63 -37.77 -16.75 11.55
N GLU D 64 -36.99 -17.53 10.82
CA GLU D 64 -37.05 -19.00 10.91
C GLU D 64 -35.87 -19.60 11.64
N HIS D 65 -34.65 -19.18 11.32
CA HIS D 65 -33.46 -19.87 11.79
C HIS D 65 -32.75 -19.08 12.88
N PRO D 66 -32.46 -19.69 14.02
CA PRO D 66 -31.68 -19.01 15.05
C PRO D 66 -30.23 -18.85 14.65
N PHE D 67 -29.61 -17.79 15.14
CA PHE D 67 -28.23 -17.49 14.80
C PHE D 67 -27.29 -18.48 15.50
N PRO D 68 -26.27 -19.01 14.79
CA PRO D 68 -26.02 -18.75 13.37
C PRO D 68 -26.90 -19.62 12.46
N PRO D 69 -27.33 -19.07 11.33
CA PRO D 69 -28.30 -19.78 10.48
C PRO D 69 -27.62 -20.78 9.58
N PRO D 70 -28.33 -21.82 9.14
CA PRO D 70 -27.73 -22.78 8.20
C PRO D 70 -27.62 -22.20 6.80
N LEU D 71 -26.65 -21.31 6.61
CA LEU D 71 -26.42 -20.64 5.33
C LEU D 71 -25.12 -21.17 4.74
N SER D 72 -25.15 -21.53 3.46
CA SER D 72 -23.95 -22.00 2.77
C SER D 72 -23.07 -20.80 2.47
N TRP D 73 -22.07 -20.57 3.33
CA TRP D 73 -21.30 -19.34 3.24
C TRP D 73 -20.31 -19.36 2.07
N GLU D 74 -19.71 -20.52 1.80
CA GLU D 74 -18.70 -20.63 0.75
C GLU D 74 -19.30 -20.61 -0.65
N ARG D 75 -20.61 -20.44 -0.78
CA ARG D 75 -21.24 -20.14 -2.06
C ARG D 75 -21.28 -18.65 -2.35
N TYR D 76 -20.57 -17.85 -1.55
CA TYR D 76 -20.51 -16.40 -1.73
C TYR D 76 -19.09 -15.96 -1.46
N ASP D 77 -18.52 -15.20 -2.41
CA ASP D 77 -17.15 -14.75 -2.26
C ASP D 77 -17.04 -13.50 -1.39
N VAL D 78 -18.07 -12.66 -1.37
CA VAL D 78 -18.11 -11.48 -0.53
C VAL D 78 -19.48 -11.39 0.12
N VAL D 79 -19.52 -10.88 1.35
CA VAL D 79 -20.75 -10.62 2.08
C VAL D 79 -20.93 -9.12 2.22
N PHE D 80 -22.17 -8.65 2.07
CA PHE D 80 -22.51 -7.23 2.18
C PHE D 80 -23.38 -7.04 3.41
N PRO D 81 -22.80 -6.77 4.58
CA PRO D 81 -23.63 -6.48 5.76
C PRO D 81 -24.28 -5.11 5.68
N LEU D 82 -25.53 -5.07 5.24
CA LEU D 82 -26.28 -3.82 5.12
C LEU D 82 -27.18 -3.60 6.33
N LEU D 83 -26.64 -3.80 7.52
CA LEU D 83 -27.36 -3.63 8.77
C LEU D 83 -26.93 -2.33 9.45
N HIS D 84 -27.90 -1.61 10.01
CA HIS D 84 -27.65 -0.31 10.63
C HIS D 84 -27.71 -0.43 12.14
N GLY D 85 -26.86 0.35 12.81
CA GLY D 85 -26.95 0.47 14.26
C GLY D 85 -26.44 -0.75 15.01
N ARG D 86 -27.03 -0.98 16.18
CA ARG D 86 -26.62 -2.09 17.03
C ARG D 86 -26.80 -3.42 16.30
N PHE D 87 -25.82 -4.30 16.46
CA PHE D 87 -25.77 -5.57 15.73
C PHE D 87 -25.80 -5.32 14.23
N GLY D 88 -25.13 -4.25 13.80
CA GLY D 88 -25.02 -3.89 12.40
C GLY D 88 -23.74 -3.13 12.11
N GLU D 89 -23.56 -1.97 12.76
CA GLU D 89 -22.40 -1.14 12.53
C GLU D 89 -21.40 -1.18 13.68
N ASP D 90 -21.58 -2.08 14.65
CA ASP D 90 -20.83 -2.04 15.90
C ASP D 90 -19.75 -3.11 15.99
N GLY D 91 -19.37 -3.73 14.88
CA GLY D 91 -18.34 -4.75 14.88
C GLY D 91 -18.79 -6.14 15.28
N THR D 92 -20.01 -6.29 15.79
CA THR D 92 -20.50 -7.61 16.18
C THR D 92 -20.70 -8.51 14.98
N VAL D 93 -21.46 -8.03 13.98
CA VAL D 93 -21.63 -8.80 12.76
C VAL D 93 -20.31 -8.92 12.01
N GLN D 94 -19.46 -7.88 12.06
CA GLN D 94 -18.18 -7.95 11.37
C GLN D 94 -17.27 -8.99 12.03
N GLY D 95 -17.33 -9.13 13.35
CA GLY D 95 -16.53 -10.15 14.01
C GLY D 95 -16.92 -11.55 13.57
N PHE D 96 -18.23 -11.83 13.55
CA PHE D 96 -18.70 -13.13 13.09
C PHE D 96 -18.26 -13.39 11.65
N LEU D 97 -18.22 -12.35 10.82
CA LEU D 97 -17.77 -12.52 9.45
C LEU D 97 -16.26 -12.75 9.37
N GLU D 98 -15.51 -12.09 10.26
CA GLU D 98 -14.07 -12.34 10.33
C GLU D 98 -13.78 -13.79 10.71
N LEU D 99 -14.60 -14.36 11.61
CA LEU D 99 -14.44 -15.75 11.99
C LEU D 99 -14.89 -16.72 10.90
N LEU D 100 -15.78 -16.28 10.01
CA LEU D 100 -16.13 -17.10 8.85
C LEU D 100 -15.00 -17.17 7.84
N GLY D 101 -14.07 -16.21 7.88
CA GLY D 101 -13.03 -16.12 6.88
C GLY D 101 -13.46 -15.48 5.58
N LYS D 102 -14.69 -14.96 5.51
CA LYS D 102 -15.25 -14.42 4.27
C LYS D 102 -14.96 -12.92 4.16
N PRO D 103 -14.58 -12.47 2.97
CA PRO D 103 -14.48 -11.02 2.73
C PRO D 103 -15.85 -10.37 2.86
N TYR D 104 -15.88 -9.22 3.52
CA TYR D 104 -17.12 -8.49 3.71
C TYR D 104 -16.91 -7.01 3.43
N VAL D 105 -18.00 -6.34 3.08
CA VAL D 105 -17.98 -4.93 2.70
C VAL D 105 -18.10 -4.08 3.96
N GLY D 106 -17.30 -3.03 4.03
CA GLY D 106 -17.40 -2.06 5.10
C GLY D 106 -16.22 -2.13 6.06
N ALA D 107 -16.32 -1.32 7.11
CA ALA D 107 -15.24 -1.19 8.07
C ALA D 107 -15.07 -2.48 8.87
N GLY D 108 -13.85 -2.68 9.36
CA GLY D 108 -13.55 -3.83 10.19
C GLY D 108 -14.19 -3.71 11.57
N VAL D 109 -13.86 -4.69 12.41
CA VAL D 109 -14.44 -4.74 13.76
C VAL D 109 -14.03 -3.51 14.56
N ALA D 110 -12.75 -3.14 14.50
CA ALA D 110 -12.26 -2.02 15.30
C ALA D 110 -12.87 -0.71 14.85
N ALA D 111 -12.81 -0.42 13.55
CA ALA D 111 -13.38 0.83 13.04
C ALA D 111 -14.88 0.88 13.28
N SER D 112 -15.58 -0.25 13.13
CA SER D 112 -17.03 -0.26 13.33
C SER D 112 -17.38 0.05 14.78
N ALA D 113 -16.77 -0.69 15.72
CA ALA D 113 -17.11 -0.51 17.13
C ALA D 113 -16.76 0.89 17.63
N LEU D 114 -15.64 1.44 17.15
CA LEU D 114 -15.19 2.73 17.63
C LEU D 114 -16.01 3.88 17.06
N CYS D 115 -16.32 3.84 15.75
CA CYS D 115 -17.20 4.84 15.17
C CYS D 115 -18.59 4.78 15.78
N MET D 116 -19.00 3.60 16.26
CA MET D 116 -20.30 3.44 16.90
C MET D 116 -20.34 4.05 18.29
N ASP D 117 -19.19 4.18 18.95
CA ASP D 117 -19.12 4.72 20.31
C ASP D 117 -18.97 6.23 20.22
N LYS D 118 -20.00 6.96 20.65
CA LYS D 118 -19.97 8.42 20.59
C LYS D 118 -18.95 9.02 21.54
N ASP D 119 -18.50 8.27 22.54
CA ASP D 119 -17.51 8.77 23.49
C ASP D 119 -16.08 8.50 23.00
N LEU D 120 -15.76 7.24 22.73
CA LEU D 120 -14.39 6.88 22.36
C LEU D 120 -14.00 7.50 21.02
N SER D 121 -14.93 7.55 20.06
CA SER D 121 -14.63 8.15 18.76
C SER D 121 -14.26 9.62 18.90
N LYS D 122 -14.98 10.35 19.76
CA LYS D 122 -14.65 11.75 20.01
C LYS D 122 -13.27 11.89 20.65
N ARG D 123 -12.93 10.99 21.58
CA ARG D 123 -11.61 11.04 22.21
C ARG D 123 -10.51 10.83 21.18
N VAL D 124 -10.70 9.90 20.25
CA VAL D 124 -9.73 9.69 19.18
C VAL D 124 -9.64 10.93 18.30
N LEU D 125 -10.80 11.45 17.87
CA LEU D 125 -10.81 12.57 16.94
C LEU D 125 -10.18 13.81 17.55
N ALA D 126 -10.56 14.15 18.79
CA ALA D 126 -10.06 15.37 19.41
C ALA D 126 -8.55 15.31 19.60
N GLN D 127 -8.01 14.14 19.93
CA GLN D 127 -6.56 14.02 20.07
C GLN D 127 -5.85 14.17 18.73
N ALA D 128 -6.48 13.74 17.65
CA ALA D 128 -5.94 13.92 16.30
C ALA D 128 -6.15 15.33 15.76
N GLY D 129 -6.69 16.25 16.56
CA GLY D 129 -6.90 17.60 16.12
C GLY D 129 -8.14 17.82 15.29
N VAL D 130 -9.07 16.85 15.26
CA VAL D 130 -10.30 16.96 14.49
C VAL D 130 -11.37 17.55 15.41
N PRO D 131 -11.97 18.68 15.07
CA PRO D 131 -12.90 19.33 15.99
C PRO D 131 -14.17 18.51 16.20
N VAL D 132 -14.60 18.42 17.45
CA VAL D 132 -15.87 17.83 17.82
C VAL D 132 -16.58 18.80 18.75
N VAL D 133 -17.88 18.63 18.90
CA VAL D 133 -18.67 19.45 19.80
C VAL D 133 -18.21 19.17 21.23
N PRO D 134 -18.25 20.16 22.13
CA PRO D 134 -17.92 19.88 23.53
C PRO D 134 -18.83 18.80 24.10
N TRP D 135 -18.22 17.85 24.82
CA TRP D 135 -18.95 16.70 25.31
C TRP D 135 -18.28 16.16 26.56
N VAL D 136 -19.07 15.42 27.35
CA VAL D 136 -18.59 14.67 28.50
C VAL D 136 -19.28 13.32 28.48
N ALA D 137 -18.55 12.28 28.89
CA ALA D 137 -19.12 10.96 29.13
C ALA D 137 -19.71 10.90 30.53
N VAL D 138 -20.82 10.16 30.64
CA VAL D 138 -21.46 9.90 31.92
C VAL D 138 -21.76 8.41 32.00
N ARG D 139 -21.31 7.77 33.08
CA ARG D 139 -21.48 6.34 33.28
C ARG D 139 -22.49 6.11 34.39
N LYS D 140 -23.26 5.02 34.25
CA LYS D 140 -24.27 4.70 35.26
C LYS D 140 -23.62 4.46 36.62
N GLY D 141 -24.25 5.00 37.66
CA GLY D 141 -23.71 4.89 38.99
C GLY D 141 -22.71 5.97 39.34
N GLU D 142 -22.35 6.84 38.39
CA GLU D 142 -21.47 7.98 38.63
C GLU D 142 -22.18 9.26 38.25
N PRO D 143 -22.41 10.17 39.18
CA PRO D 143 -23.17 11.40 38.88
C PRO D 143 -22.46 12.25 37.84
N PRO D 144 -23.20 13.05 37.06
CA PRO D 144 -22.57 13.76 35.94
C PRO D 144 -21.81 15.00 36.38
N VAL D 145 -20.67 15.22 35.76
CA VAL D 145 -19.90 16.45 35.90
C VAL D 145 -19.90 17.12 34.52
N VAL D 146 -20.75 18.12 34.34
CA VAL D 146 -20.90 18.78 33.06
C VAL D 146 -20.41 20.22 33.17
N PRO D 147 -19.28 20.57 32.55
CA PRO D 147 -18.71 21.91 32.77
C PRO D 147 -19.39 23.03 32.01
N PHE D 148 -20.18 22.74 30.98
CA PHE D 148 -20.86 23.77 30.21
C PHE D 148 -22.36 23.76 30.51
N ASP D 149 -23.07 24.65 29.84
CA ASP D 149 -24.45 24.98 30.15
C ASP D 149 -25.43 24.44 29.11
N PRO D 150 -26.71 24.38 29.43
CA PRO D 150 -27.71 23.97 28.44
C PRO D 150 -27.83 25.00 27.33
N PRO D 151 -28.44 24.64 26.19
CA PRO D 151 -29.00 23.32 25.89
C PRO D 151 -27.94 22.30 25.48
N PHE D 152 -28.20 21.03 25.76
CA PHE D 152 -27.35 19.95 25.28
C PHE D 152 -28.20 18.72 25.01
N PHE D 153 -27.59 17.75 24.31
CA PHE D 153 -28.20 16.47 24.04
C PHE D 153 -27.67 15.42 25.01
N VAL D 154 -28.51 14.45 25.33
CA VAL D 154 -28.13 13.29 26.13
C VAL D 154 -28.39 12.04 25.30
N LYS D 155 -27.33 11.29 25.01
CA LYS D 155 -27.43 10.14 24.13
C LYS D 155 -26.79 8.93 24.78
N PRO D 156 -27.39 7.75 24.64
CA PRO D 156 -26.66 6.51 24.95
C PRO D 156 -25.43 6.39 24.05
N ALA D 157 -24.33 5.90 24.63
CA ALA D 157 -23.03 6.06 23.99
C ALA D 157 -22.90 5.23 22.72
N ASN D 158 -23.33 3.96 22.77
CA ASN D 158 -23.11 3.01 21.68
C ASN D 158 -24.42 2.47 21.09
N THR D 159 -25.54 3.16 21.30
CA THR D 159 -26.83 2.64 20.86
C THR D 159 -27.13 3.00 19.42
N GLY D 160 -27.16 4.30 19.10
CA GLY D 160 -27.49 4.74 17.77
C GLY D 160 -28.98 4.71 17.50
N SER D 161 -29.33 4.87 16.22
CA SER D 161 -30.70 4.84 15.76
C SER D 161 -31.58 5.90 16.42
N SER D 162 -30.96 6.95 16.97
CA SER D 162 -31.65 8.09 17.57
C SER D 162 -32.57 7.68 18.72
N VAL D 163 -32.37 6.50 19.29
CA VAL D 163 -33.21 6.00 20.37
C VAL D 163 -32.59 6.39 21.71
N GLY D 164 -33.43 6.78 22.66
CA GLY D 164 -32.96 7.18 23.97
C GLY D 164 -32.35 8.56 24.03
N ILE D 165 -32.45 9.34 22.97
CA ILE D 165 -31.87 10.68 22.89
C ILE D 165 -32.91 11.69 23.37
N SER D 166 -32.44 12.69 24.14
CA SER D 166 -33.27 13.80 24.56
C SER D 166 -32.49 15.09 24.43
N ARG D 167 -33.16 16.14 23.96
CA ARG D 167 -32.60 17.49 23.98
C ARG D 167 -32.94 18.11 25.33
N VAL D 168 -31.91 18.48 26.08
CA VAL D 168 -32.05 18.95 27.45
C VAL D 168 -31.94 20.47 27.46
N GLU D 169 -32.97 21.14 27.97
CA GLU D 169 -33.03 22.60 27.99
C GLU D 169 -32.70 23.20 29.35
N ARG D 170 -32.92 22.47 30.44
CA ARG D 170 -32.55 22.93 31.77
C ARG D 170 -31.70 21.86 32.46
N PHE D 171 -30.80 22.31 33.35
CA PHE D 171 -29.87 21.40 34.00
C PHE D 171 -30.57 20.36 34.89
N GLN D 172 -31.76 20.66 35.38
CA GLN D 172 -32.44 19.72 36.26
C GLN D 172 -33.17 18.62 35.52
N ASP D 173 -33.33 18.73 34.21
CA ASP D 173 -33.84 17.63 33.39
C ASP D 173 -32.74 16.66 32.98
N LEU D 174 -31.50 16.88 33.43
CA LEU D 174 -30.39 16.04 33.01
C LEU D 174 -30.48 14.64 33.61
N GLU D 175 -30.91 14.54 34.88
CA GLU D 175 -31.02 13.23 35.50
C GLU D 175 -32.08 12.37 34.83
N ALA D 176 -33.22 12.97 34.50
CA ALA D 176 -34.26 12.23 33.78
C ALA D 176 -33.78 11.81 32.40
N ALA D 177 -32.98 12.65 31.75
CA ALA D 177 -32.43 12.30 30.44
C ALA D 177 -31.39 11.20 30.56
N LEU D 178 -30.57 11.24 31.61
CA LEU D 178 -29.58 10.18 31.81
C LEU D 178 -30.25 8.85 32.15
N ALA D 179 -31.31 8.90 32.97
CA ALA D 179 -32.03 7.67 33.30
C ALA D 179 -32.64 7.04 32.05
N LEU D 180 -33.12 7.86 31.12
CA LEU D 180 -33.67 7.33 29.87
C LEU D 180 -32.59 6.67 29.03
N ALA D 181 -31.44 7.32 28.90
CA ALA D 181 -30.36 6.76 28.09
C ALA D 181 -29.75 5.54 28.76
N PHE D 182 -29.73 5.50 30.10
CA PHE D 182 -29.12 4.38 30.81
C PHE D 182 -29.95 3.10 30.74
N ARG D 183 -31.19 3.18 30.27
CA ARG D 183 -31.97 1.97 30.00
C ARG D 183 -31.55 1.28 28.72
N TYR D 184 -30.71 1.92 27.90
CA TYR D 184 -30.23 1.35 26.66
C TYR D 184 -28.73 1.11 26.62
N ASP D 185 -27.95 1.83 27.45
CA ASP D 185 -26.50 1.68 27.47
C ASP D 185 -26.01 2.09 28.85
N GLU D 186 -24.95 1.44 29.30
CA GLU D 186 -24.37 1.73 30.61
C GLU D 186 -23.55 3.01 30.62
N LYS D 187 -23.30 3.62 29.47
CA LYS D 187 -22.58 4.88 29.37
C LYS D 187 -23.35 5.83 28.46
N ALA D 188 -23.34 7.12 28.81
CA ALA D 188 -24.02 8.14 28.04
C ALA D 188 -23.08 9.31 27.78
N VAL D 189 -23.40 10.08 26.74
CA VAL D 189 -22.66 11.28 26.42
C VAL D 189 -23.60 12.48 26.54
N VAL D 190 -23.02 13.61 26.91
CA VAL D 190 -23.74 14.88 26.99
C VAL D 190 -23.01 15.87 26.11
N GLU D 191 -23.60 16.22 24.97
CA GLU D 191 -22.95 17.04 23.95
C GLU D 191 -23.58 18.43 23.90
N LYS D 192 -22.73 19.45 23.90
CA LYS D 192 -23.19 20.82 23.72
C LYS D 192 -24.03 20.95 22.46
N ALA D 193 -25.19 21.60 22.60
CA ALA D 193 -26.14 21.73 21.50
C ALA D 193 -25.92 23.06 20.78
N LEU D 194 -25.56 22.99 19.50
CA LEU D 194 -25.45 24.17 18.67
C LEU D 194 -26.84 24.56 18.19
N SER D 195 -27.29 25.78 18.52
CA SER D 195 -28.69 26.15 18.28
C SER D 195 -28.90 26.64 16.85
N PRO D 196 -28.08 27.59 16.34
CA PRO D 196 -28.12 27.84 14.89
C PRO D 196 -27.12 26.95 14.16
N VAL D 197 -27.56 25.78 13.72
CA VAL D 197 -26.66 24.77 13.19
C VAL D 197 -27.19 24.25 11.86
N ARG D 198 -26.27 23.96 10.95
CA ARG D 198 -26.57 23.28 9.71
C ARG D 198 -25.86 21.93 9.71
N GLU D 199 -26.50 20.91 9.16
CA GLU D 199 -25.95 19.57 9.13
C GLU D 199 -25.38 19.29 7.75
N LEU D 200 -24.08 19.02 7.71
CA LEU D 200 -23.36 18.73 6.48
C LEU D 200 -22.92 17.28 6.47
N GLU D 201 -22.89 16.68 5.28
CA GLU D 201 -22.54 15.28 5.14
C GLU D 201 -21.65 15.09 3.93
N VAL D 202 -20.79 14.09 4.00
CA VAL D 202 -19.81 13.81 2.95
C VAL D 202 -19.58 12.31 2.91
N GLY D 203 -19.31 11.79 1.72
CA GLY D 203 -19.07 10.37 1.51
C GLY D 203 -17.59 10.09 1.30
N VAL D 204 -17.14 8.95 1.83
CA VAL D 204 -15.76 8.49 1.64
C VAL D 204 -15.82 7.08 1.08
N LEU D 205 -14.92 6.77 0.15
CA LEU D 205 -14.82 5.46 -0.47
C LEU D 205 -13.36 5.05 -0.50
N GLY D 206 -13.07 3.86 0.04
CA GLY D 206 -11.72 3.36 0.05
C GLY D 206 -11.31 2.72 1.37
N ASN D 207 -10.15 2.09 1.39
CA ASN D 207 -9.61 1.45 2.59
C ASN D 207 -8.57 2.38 3.21
N VAL D 208 -8.90 2.98 4.35
CA VAL D 208 -8.02 3.85 5.12
C VAL D 208 -7.73 5.15 4.36
N PHE D 209 -7.08 5.04 3.21
CA PHE D 209 -6.77 6.19 2.36
C PHE D 209 -7.86 6.30 1.29
N GLY D 210 -8.93 7.02 1.62
CA GLY D 210 -10.09 7.10 0.77
C GLY D 210 -10.21 8.41 0.02
N GLU D 211 -11.19 8.45 -0.87
CA GLU D 211 -11.52 9.64 -1.66
C GLU D 211 -12.86 10.20 -1.21
N ALA D 212 -12.94 11.53 -1.13
CA ALA D 212 -14.15 12.19 -0.67
C ALA D 212 -15.10 12.46 -1.83
N SER D 213 -16.39 12.51 -1.50
CA SER D 213 -17.42 12.93 -2.42
C SER D 213 -17.67 14.42 -2.28
N PRO D 214 -18.51 15.00 -3.12
CA PRO D 214 -19.02 16.35 -2.83
C PRO D 214 -19.76 16.38 -1.51
N VAL D 215 -19.97 17.59 -1.00
CA VAL D 215 -20.60 17.78 0.30
C VAL D 215 -22.10 18.01 0.11
N GLY D 216 -22.90 17.35 0.94
CA GLY D 216 -24.34 17.53 0.96
C GLY D 216 -24.79 18.18 2.26
N GLU D 217 -26.01 18.70 2.24
CA GLU D 217 -26.59 19.36 3.41
C GLU D 217 -28.02 18.91 3.60
N VAL D 218 -28.38 18.60 4.85
CA VAL D 218 -29.74 18.23 5.22
C VAL D 218 -30.37 19.44 5.90
N ARG D 219 -31.23 20.15 5.18
CA ARG D 219 -31.99 21.25 5.77
C ARG D 219 -33.46 21.15 5.37
N ALA D 236 -37.21 18.29 5.43
CA ALA D 236 -36.02 17.52 5.13
C ALA D 236 -35.73 17.52 3.64
N GLU D 237 -34.79 18.39 3.24
CA GLU D 237 -34.38 18.51 1.85
C GLU D 237 -32.88 18.26 1.76
N LEU D 238 -32.48 17.41 0.82
CA LEU D 238 -31.09 17.10 0.56
C LEU D 238 -30.55 18.03 -0.51
N LEU D 239 -29.54 18.82 -0.16
CA LEU D 239 -28.91 19.77 -1.07
C LEU D 239 -27.60 19.16 -1.55
N ILE D 240 -27.55 18.79 -2.83
CA ILE D 240 -26.37 18.15 -3.40
C ILE D 240 -25.96 18.91 -4.65
N PRO D 241 -24.81 19.60 -4.65
CA PRO D 241 -23.93 19.76 -3.48
C PRO D 241 -24.46 20.80 -2.51
N ALA D 242 -23.88 20.83 -1.31
CA ALA D 242 -24.27 21.83 -0.33
C ALA D 242 -23.85 23.22 -0.76
N PRO D 243 -24.65 24.25 -0.46
CA PRO D 243 -24.24 25.62 -0.80
C PRO D 243 -23.25 26.18 0.22
N LEU D 244 -21.97 25.87 0.04
CA LEU D 244 -20.93 26.24 0.97
C LEU D 244 -19.89 27.12 0.28
N ASP D 245 -19.31 28.04 1.05
CA ASP D 245 -18.18 28.78 0.56
C ASP D 245 -17.02 27.82 0.27
N PRO D 246 -16.17 28.12 -0.71
CA PRO D 246 -15.20 27.12 -1.17
C PRO D 246 -14.24 26.65 -0.09
N GLY D 247 -13.82 27.54 0.81
CA GLY D 247 -12.89 27.14 1.85
C GLY D 247 -13.49 26.13 2.81
N THR D 248 -14.74 26.35 3.23
CA THR D 248 -15.39 25.43 4.15
C THR D 248 -15.61 24.06 3.50
N GLN D 249 -15.94 24.04 2.21
CA GLN D 249 -16.14 22.77 1.52
C GLN D 249 -14.85 21.95 1.53
N GLU D 250 -13.70 22.60 1.34
CA GLU D 250 -12.43 21.88 1.34
C GLU D 250 -12.14 21.29 2.71
N THR D 251 -12.41 22.05 3.77
CA THR D 251 -12.09 21.57 5.12
C THR D 251 -13.00 20.42 5.54
N VAL D 252 -14.26 20.42 5.10
CA VAL D 252 -15.13 19.28 5.36
C VAL D 252 -14.53 18.01 4.76
N GLN D 253 -14.12 18.08 3.49
CA GLN D 253 -13.49 16.93 2.85
C GLN D 253 -12.19 16.55 3.55
N GLU D 254 -11.38 17.54 3.92
CA GLU D 254 -10.09 17.25 4.56
C GLU D 254 -10.30 16.58 5.92
N LEU D 255 -11.21 17.12 6.72
CA LEU D 255 -11.47 16.53 8.03
C LEU D 255 -12.07 15.13 7.90
N ALA D 256 -12.88 14.90 6.86
CA ALA D 256 -13.46 13.58 6.65
C ALA D 256 -12.39 12.55 6.35
N LEU D 257 -11.54 12.83 5.35
CA LEU D 257 -10.50 11.87 4.97
C LEU D 257 -9.53 11.61 6.11
N LYS D 258 -9.23 12.65 6.90
CA LYS D 258 -8.26 12.51 7.98
C LYS D 258 -8.83 11.66 9.11
N ALA D 259 -10.06 11.97 9.55
CA ALA D 259 -10.71 11.13 10.55
C ALA D 259 -10.92 9.72 10.01
N TYR D 260 -11.26 9.60 8.73
CA TYR D 260 -11.40 8.29 8.09
C TYR D 260 -10.10 7.49 8.18
N LYS D 261 -8.96 8.16 8.02
CA LYS D 261 -7.67 7.47 8.07
C LYS D 261 -7.30 7.10 9.50
N VAL D 262 -7.46 8.04 10.44
CA VAL D 262 -7.05 7.79 11.82
C VAL D 262 -7.87 6.66 12.44
N LEU D 263 -9.17 6.62 12.15
CA LEU D 263 -10.02 5.56 12.67
C LEU D 263 -9.93 4.27 11.88
N GLY D 264 -9.11 4.23 10.82
CA GLY D 264 -8.90 3.01 10.07
C GLY D 264 -10.14 2.45 9.42
N VAL D 265 -11.05 3.32 8.96
CA VAL D 265 -12.26 2.85 8.30
C VAL D 265 -11.90 2.22 6.96
N ARG D 266 -12.61 1.16 6.61
CA ARG D 266 -12.42 0.49 5.33
C ARG D 266 -13.72 0.49 4.55
N GLY D 267 -13.59 0.36 3.23
CA GLY D 267 -14.74 0.35 2.36
C GLY D 267 -15.39 1.71 2.18
N MET D 268 -16.22 2.11 3.13
CA MET D 268 -17.04 3.31 2.96
C MET D 268 -17.38 3.88 4.33
N ALA D 269 -17.88 5.13 4.30
CA ALA D 269 -18.43 5.80 5.47
C ALA D 269 -19.09 7.09 5.02
N ARG D 270 -20.17 7.46 5.71
CA ARG D 270 -20.75 8.79 5.60
C ARG D 270 -20.34 9.59 6.84
N VAL D 271 -19.69 10.72 6.63
CA VAL D 271 -19.15 11.53 7.72
C VAL D 271 -20.04 12.75 7.88
N ASP D 272 -20.71 12.84 9.02
CA ASP D 272 -21.65 13.91 9.31
C ASP D 272 -20.97 15.02 10.09
N PHE D 273 -21.26 16.27 9.70
CA PHE D 273 -20.66 17.45 10.32
C PHE D 273 -21.76 18.39 10.80
N PHE D 274 -21.39 19.24 11.76
CA PHE D 274 -22.19 20.38 12.18
C PHE D 274 -21.44 21.66 11.81
N LEU D 275 -22.16 22.62 11.25
CA LEU D 275 -21.61 23.93 10.94
C LEU D 275 -22.34 24.98 11.77
N ALA D 276 -21.62 25.61 12.70
CA ALA D 276 -22.20 26.62 13.58
C ALA D 276 -21.21 27.77 13.72
N GLU D 277 -21.64 28.96 13.27
CA GLU D 277 -20.83 30.18 13.38
C GLU D 277 -19.47 30.01 12.72
N GLY D 278 -19.47 29.52 11.49
CA GLY D 278 -18.25 29.30 10.74
C GLY D 278 -17.32 28.23 11.29
N GLU D 279 -17.73 27.49 12.30
CA GLU D 279 -16.91 26.42 12.85
C GLU D 279 -17.51 25.06 12.50
N LEU D 280 -16.68 24.19 11.94
CA LEU D 280 -17.10 22.81 11.66
C LEU D 280 -16.86 21.93 12.88
N TYR D 281 -17.73 20.94 13.04
CA TYR D 281 -17.59 19.94 14.10
C TYR D 281 -17.97 18.60 13.50
N LEU D 282 -17.07 17.62 13.60
CA LEU D 282 -17.40 16.28 13.16
C LEU D 282 -18.41 15.67 14.13
N ASN D 283 -19.59 15.33 13.62
CA ASN D 283 -20.62 14.72 14.45
C ASN D 283 -20.37 13.23 14.65
N GLU D 284 -20.44 12.45 13.57
CA GLU D 284 -20.18 11.02 13.67
C GLU D 284 -19.82 10.47 12.29
N LEU D 285 -19.06 9.39 12.29
CA LEU D 285 -18.77 8.64 11.07
C LEU D 285 -19.72 7.45 11.02
N ASN D 286 -20.55 7.39 9.98
CA ASN D 286 -21.46 6.29 9.76
C ASN D 286 -20.83 5.29 8.81
N THR D 287 -20.63 4.06 9.28
CA THR D 287 -19.91 3.06 8.50
C THR D 287 -20.83 2.22 7.63
N ILE D 288 -22.11 2.11 7.98
CA ILE D 288 -23.10 1.52 7.08
C ILE D 288 -24.15 2.57 6.81
N PRO D 289 -23.88 3.55 5.94
CA PRO D 289 -24.87 4.59 5.66
C PRO D 289 -26.05 4.03 4.90
N GLY D 290 -27.15 4.79 4.91
CA GLY D 290 -28.32 4.39 4.18
C GLY D 290 -28.05 4.27 2.69
N PHE D 291 -28.73 3.31 2.05
CA PHE D 291 -28.58 3.10 0.62
C PHE D 291 -29.93 3.13 -0.09
N THR D 292 -30.91 3.81 0.49
CA THR D 292 -32.19 4.00 -0.16
C THR D 292 -32.03 4.94 -1.36
N PRO D 293 -32.99 4.95 -2.28
CA PRO D 293 -32.91 5.90 -3.40
C PRO D 293 -32.87 7.36 -2.97
N THR D 294 -33.33 7.68 -1.76
CA THR D 294 -33.30 9.03 -1.24
C THR D 294 -32.11 9.29 -0.31
N SER D 295 -31.31 8.27 -0.02
CA SER D 295 -30.26 8.41 0.97
C SER D 295 -29.12 9.27 0.45
N MET D 296 -28.41 9.91 1.39
CA MET D 296 -27.39 10.89 1.02
C MET D 296 -26.15 10.23 0.41
N TYR D 297 -25.73 9.08 0.95
CA TYR D 297 -24.45 8.51 0.53
C TYR D 297 -24.41 8.16 -0.95
N PRO D 298 -25.32 7.33 -1.49
CA PRO D 298 -25.18 6.97 -2.91
C PRO D 298 -25.35 8.17 -3.83
N ARG D 299 -26.24 9.11 -3.49
CA ARG D 299 -26.44 10.28 -4.32
C ARG D 299 -25.22 11.19 -4.32
N LEU D 300 -24.48 11.23 -3.21
CA LEU D 300 -23.31 12.10 -3.13
C LEU D 300 -22.21 11.66 -4.08
N PHE D 301 -22.00 10.35 -4.22
CA PHE D 301 -21.03 9.87 -5.19
C PHE D 301 -21.57 9.87 -6.61
N GLU D 302 -22.89 9.79 -6.78
CA GLU D 302 -23.47 9.98 -8.10
C GLU D 302 -23.22 11.38 -8.61
N ALA D 303 -23.35 12.39 -7.73
CA ALA D 303 -23.03 13.75 -8.13
C ALA D 303 -21.55 13.90 -8.48
N GLY D 304 -20.68 13.22 -7.75
CA GLY D 304 -19.25 13.37 -7.94
C GLY D 304 -18.76 12.52 -9.07
N GLY D 305 -19.70 11.93 -9.80
CA GLY D 305 -19.41 11.17 -10.99
C GLY D 305 -19.15 9.69 -10.79
N VAL D 306 -19.52 9.12 -9.65
CA VAL D 306 -19.39 7.69 -9.41
C VAL D 306 -20.78 7.09 -9.60
N ALA D 307 -20.93 6.27 -10.63
CA ALA D 307 -22.23 5.65 -10.91
C ALA D 307 -22.58 4.64 -9.83
N TYR D 308 -23.87 4.57 -9.50
CA TYR D 308 -24.36 3.63 -8.49
C TYR D 308 -23.87 2.20 -8.71
N PRO D 309 -23.92 1.62 -9.92
CA PRO D 309 -23.32 0.29 -10.09
C PRO D 309 -21.82 0.30 -9.89
N GLU D 310 -21.12 1.33 -10.38
CA GLU D 310 -19.68 1.42 -10.14
C GLU D 310 -19.36 1.59 -8.66
N LEU D 311 -20.24 2.27 -7.92
CA LEU D 311 -20.04 2.42 -6.48
C LEU D 311 -20.09 1.07 -5.79
N LEU D 312 -21.07 0.23 -6.15
CA LEU D 312 -21.21 -1.07 -5.51
C LEU D 312 -20.08 -2.01 -5.91
N ARG D 313 -19.63 -1.94 -7.16
CA ARG D 313 -18.52 -2.78 -7.60
C ARG D 313 -17.25 -2.44 -6.84
N ARG D 314 -16.94 -1.14 -6.70
CA ARG D 314 -15.75 -0.73 -5.97
C ARG D 314 -15.83 -1.12 -4.51
N LEU D 315 -17.03 -1.09 -3.92
CA LEU D 315 -17.19 -1.53 -2.54
C LEU D 315 -16.87 -3.01 -2.40
N VAL D 316 -17.40 -3.84 -3.29
CA VAL D 316 -17.11 -5.26 -3.26
C VAL D 316 -15.63 -5.51 -3.53
N GLU D 317 -15.05 -4.77 -4.48
CA GLU D 317 -13.64 -4.94 -4.80
C GLU D 317 -12.75 -4.56 -3.63
N LEU D 318 -13.10 -3.48 -2.92
CA LEU D 318 -12.32 -3.08 -1.75
C LEU D 318 -12.35 -4.13 -0.66
N ALA D 319 -13.47 -4.86 -0.54
CA ALA D 319 -13.54 -5.95 0.43
C ALA D 319 -12.57 -7.06 0.07
N LEU D 320 -12.43 -7.36 -1.23
CA LEU D 320 -11.50 -8.39 -1.65
C LEU D 320 -10.05 -7.96 -1.49
N THR D 321 -9.75 -6.70 -1.82
CA THR D 321 -8.39 -6.20 -1.67
C THR D 321 -7.94 -6.26 -0.22
N HIS D 322 -8.83 -5.94 0.72
CA HIS D 322 -8.46 -5.94 2.13
C HIS D 322 -8.36 -7.35 2.69
N HIS D 323 -9.25 -8.25 2.26
CA HIS D 323 -9.30 -9.58 2.85
C HIS D 323 -7.97 -10.32 2.70
N HIS D 324 -7.29 -10.12 1.58
CA HIS D 324 -6.04 -10.82 1.32
C HIS D 324 -4.90 -10.26 2.16
N HIS D 325 -4.96 -10.47 3.47
CA HIS D 325 -3.90 -10.04 4.37
C HIS D 325 -3.80 -10.98 5.57
#